data_9QUN
#
_entry.id   9QUN
#
_cell.length_a   1.00
_cell.length_b   1.00
_cell.length_c   1.00
_cell.angle_alpha   90.00
_cell.angle_beta   90.00
_cell.angle_gamma   90.00
#
_symmetry.space_group_name_H-M   'P 1'
#
loop_
_entity.id
_entity.type
_entity.pdbx_description
1 polymer 'Plastid replication-repair enzyme'
2 non-polymer "2'-DEOXYGUANOSINE-5'-TRIPHOSPHATE"
#
_entity_poly.entity_id   1
_entity_poly.type   'polypeptide(L)'
_entity_poly.pdbx_seq_one_letter_code
;MGSSHHHHHHSQDPENLYFQGDEITKKYIKDNIINVDDNIIKKKDIFKLKNENNEITECAFEYFESKKKFDDDIESRFFI
INDNNYNENINLIYKDIKYCGLNIQTTGLEVFDENIRLIQIAVENYPVIIYDMFNINKKDILDGLRKVLENKNIIKIIQN
GKFDAKFLLHNNFKIENIFDTYIASKLLDKNKNMYGFKLNNIVEKYLNVILDKQQQNSVWNNSLLNNNQLFYAARDSSCL
LKLYKKLKEEIKKENLHIVNDIENKCILPICDMELNGIKVDLENLQKSTNEILNELNIEKDNLKKKLKDENINVNSQQQV
LKALQKNNVRDISNKLIENTSDSNLKNFLNHEEIISLRNYRRLYKLYSAFYLKLPLHINTKTNKIHTTFNQLKTFSGRFS
SEKPNLQQIPRQKNIREIFIPNDNNIFIIADFKQIELKIAAEITNDEIMLKAYNNNIDLHTLTASIITKKNIPDINKEDR
HIAKAINFGLIYGMNYVNLKNYANTYYGLNMSLDQCLYFYNSFFEHYKGIYKWHNQVKQKRALQYSTLSNRKVIFPYFSF
TKALNYPVQGTCADILKLALVDLYDNLKDINGKIILCVHDEIIIEVNKKFQEEALKILVQSMENSASYFLKKVKCEVSVK
IAENWGSKD
;
_entity_poly.pdbx_strand_id   A
#
loop_
_chem_comp.id
_chem_comp.type
_chem_comp.name
_chem_comp.formula
DGT non-polymer 2'-DEOXYGUANOSINE-5'-TRIPHOSPHATE 'C10 H16 N5 O13 P3'
#
# COMPACT_ATOMS: atom_id res chain seq x y z
N ASP A 22 -22.62 -27.80 35.12
CA ASP A 22 -23.19 -29.14 34.77
C ASP A 22 -22.13 -29.98 34.06
N GLU A 23 -22.24 -31.30 34.22
CA GLU A 23 -21.30 -32.20 33.56
C GLU A 23 -21.40 -32.10 32.04
N ILE A 24 -22.59 -31.78 31.52
CA ILE A 24 -22.74 -31.61 30.09
C ILE A 24 -21.89 -30.45 29.60
N THR A 25 -21.95 -29.32 30.31
CA THR A 25 -21.18 -28.14 29.90
C THR A 25 -19.69 -28.37 30.07
N LYS A 26 -19.28 -28.98 31.18
CA LYS A 26 -17.87 -29.16 31.52
C LYS A 26 -17.38 -30.55 31.16
N LYS A 27 -17.88 -31.12 30.06
CA LYS A 27 -17.48 -32.46 29.68
C LYS A 27 -16.03 -32.53 29.21
N TYR A 28 -15.42 -31.39 28.87
CA TYR A 28 -14.03 -31.35 28.44
C TYR A 28 -13.31 -30.14 29.05
N ILE A 29 -13.63 -29.82 30.30
CA ILE A 29 -13.07 -28.64 30.93
C ILE A 29 -11.56 -28.79 31.16
N LYS A 30 -11.09 -30.02 31.35
CA LYS A 30 -9.68 -30.22 31.71
C LYS A 30 -8.76 -29.74 30.61
N ASP A 31 -9.16 -29.92 29.35
CA ASP A 31 -8.39 -29.45 28.20
C ASP A 31 -8.86 -28.10 27.69
N ASN A 32 -9.36 -27.24 28.59
CA ASN A 32 -9.66 -25.84 28.27
C ASN A 32 -10.91 -25.67 27.41
N ILE A 33 -11.55 -26.75 27.01
CA ILE A 33 -12.72 -26.68 26.15
C ILE A 33 -13.97 -26.70 27.01
N ILE A 34 -14.96 -25.91 26.63
CA ILE A 34 -16.25 -25.86 27.31
C ILE A 34 -17.34 -26.22 26.30
N ASN A 35 -18.26 -27.09 26.69
CA ASN A 35 -19.34 -27.50 25.83
C ASN A 35 -20.51 -26.53 25.93
N VAL A 36 -21.18 -26.32 24.79
CA VAL A 36 -22.35 -25.46 24.72
C VAL A 36 -23.54 -26.26 24.19
N ASP A 37 -23.40 -26.81 22.98
CA ASP A 37 -24.48 -27.51 22.31
C ASP A 37 -24.08 -28.92 21.90
N ASP A 38 -23.28 -29.60 22.72
CA ASP A 38 -22.76 -30.93 22.40
C ASP A 38 -21.99 -30.79 21.08
N ASN A 39 -22.25 -31.63 20.08
CA ASN A 39 -21.56 -31.55 18.79
C ASN A 39 -20.05 -31.60 18.95
N ILE A 40 -19.57 -32.35 19.93
CA ILE A 40 -18.14 -32.51 20.15
C ILE A 40 -17.91 -33.84 20.84
N ILE A 41 -16.96 -34.62 20.33
CA ILE A 41 -16.69 -35.96 20.84
C ILE A 41 -15.19 -36.18 20.83
N LYS A 42 -14.66 -36.65 21.96
CA LYS A 42 -13.27 -37.09 22.02
C LYS A 42 -13.08 -38.29 21.12
N LYS A 43 -11.95 -38.31 20.42
CA LYS A 43 -11.60 -39.44 19.55
C LYS A 43 -10.09 -39.62 19.54
N LYS A 44 -9.68 -40.89 19.51
CA LYS A 44 -8.27 -41.26 19.53
C LYS A 44 -8.02 -42.30 18.46
N ASP A 45 -6.94 -42.12 17.69
CA ASP A 45 -6.61 -43.05 16.63
C ASP A 45 -5.13 -42.93 16.32
N ILE A 46 -4.61 -43.96 15.64
CA ILE A 46 -3.18 -44.05 15.34
C ILE A 46 -2.91 -43.31 14.04
N PHE A 47 -1.82 -42.55 14.01
CA PHE A 47 -1.38 -41.82 12.84
C PHE A 47 -0.06 -42.40 12.36
N LYS A 48 -0.03 -42.84 11.10
CA LYS A 48 1.15 -43.47 10.51
C LYS A 48 2.06 -42.38 9.97
N LEU A 49 2.86 -41.80 10.86
CA LEU A 49 3.84 -40.80 10.50
C LEU A 49 5.15 -41.47 10.12
N LYS A 50 6.08 -40.66 9.63
CA LYS A 50 7.45 -41.09 9.37
C LYS A 50 8.35 -40.59 10.49
N ASN A 51 9.15 -41.49 11.06
CA ASN A 51 10.07 -41.13 12.12
C ASN A 51 11.22 -40.30 11.56
N GLU A 52 11.94 -39.64 12.47
CA GLU A 52 13.12 -38.88 12.07
C GLU A 52 14.13 -39.76 11.35
N ASN A 53 14.23 -41.03 11.72
CA ASN A 53 15.10 -41.99 11.07
C ASN A 53 14.42 -42.69 9.89
N ASN A 54 13.37 -42.08 9.33
CA ASN A 54 12.65 -42.65 8.19
C ASN A 54 12.11 -44.03 8.53
N GLU A 55 11.32 -44.08 9.61
CA GLU A 55 10.68 -45.31 10.07
C GLU A 55 9.21 -45.02 10.33
N ILE A 56 8.34 -45.88 9.80
CA ILE A 56 6.91 -45.71 10.00
C ILE A 56 6.62 -45.95 11.48
N THR A 57 6.28 -44.88 12.20
CA THR A 57 6.07 -44.92 13.63
C THR A 57 4.58 -44.77 13.92
N GLU A 58 4.06 -45.66 14.77
CA GLU A 58 2.65 -45.64 15.16
C GLU A 58 2.50 -44.85 16.44
N CYS A 59 1.79 -43.71 16.36
CA CYS A 59 1.52 -42.88 17.51
C CYS A 59 0.05 -42.51 17.56
N ALA A 60 -0.56 -42.68 18.74
CA ALA A 60 -1.96 -42.36 18.94
C ALA A 60 -2.09 -40.92 19.39
N PHE A 61 -3.00 -40.18 18.76
CA PHE A 61 -3.17 -38.75 18.97
C PHE A 61 -4.58 -38.45 19.43
N GLU A 62 -4.75 -37.22 19.93
CA GLU A 62 -6.01 -36.75 20.48
C GLU A 62 -6.57 -35.68 19.56
N TYR A 63 -7.79 -35.89 19.09
CA TYR A 63 -8.41 -35.02 18.10
C TYR A 63 -9.92 -35.06 18.26
N PHE A 64 -10.54 -33.89 18.18
CA PHE A 64 -11.98 -33.76 18.34
C PHE A 64 -12.68 -33.71 16.99
N GLU A 65 -14.00 -33.89 17.02
CA GLU A 65 -14.80 -33.90 15.81
C GLU A 65 -16.23 -33.51 16.15
N SER A 66 -16.94 -33.00 15.14
CA SER A 66 -18.34 -32.62 15.30
C SER A 66 -19.24 -33.83 15.20
N LYS A 67 -20.26 -33.87 16.06
CA LYS A 67 -21.23 -34.96 16.00
C LYS A 67 -22.02 -34.90 14.70
N LYS A 68 -22.58 -33.74 14.38
CA LYS A 68 -23.39 -33.55 13.18
C LYS A 68 -22.47 -33.11 12.05
N LYS A 69 -22.31 -33.96 11.04
CA LYS A 69 -21.36 -33.68 9.96
C LYS A 69 -21.85 -32.51 9.13
N PHE A 70 -21.01 -31.49 9.00
CA PHE A 70 -21.34 -30.36 8.13
C PHE A 70 -21.44 -30.83 6.68
N ASP A 71 -22.33 -30.19 5.92
CA ASP A 71 -22.51 -30.57 4.53
C ASP A 71 -21.25 -30.37 3.71
N ASP A 72 -20.33 -29.52 4.17
CA ASP A 72 -19.07 -29.32 3.48
C ASP A 72 -18.19 -30.57 3.65
N ASP A 73 -17.35 -30.81 2.64
CA ASP A 73 -16.36 -31.88 2.69
C ASP A 73 -15.01 -31.42 3.20
N ILE A 74 -14.88 -30.14 3.59
CA ILE A 74 -13.59 -29.62 4.02
C ILE A 74 -13.22 -30.23 5.36
N GLU A 75 -11.91 -30.34 5.61
CA GLU A 75 -11.43 -30.97 6.83
C GLU A 75 -11.92 -30.19 8.05
N SER A 76 -12.39 -30.93 9.05
CA SER A 76 -12.81 -30.37 10.31
C SER A 76 -12.08 -30.96 11.51
N ARG A 77 -11.34 -32.05 11.33
CA ARG A 77 -10.60 -32.62 12.43
C ARG A 77 -9.50 -31.66 12.89
N PHE A 78 -9.31 -31.56 14.20
CA PHE A 78 -8.36 -30.58 14.73
C PHE A 78 -7.80 -31.06 16.06
N PHE A 79 -6.49 -30.92 16.23
CA PHE A 79 -5.87 -31.07 17.53
C PHE A 79 -5.94 -29.74 18.29
N ILE A 80 -5.67 -29.81 19.59
CA ILE A 80 -5.47 -28.61 20.40
C ILE A 80 -4.32 -28.90 21.36
N ILE A 81 -3.38 -27.96 21.45
CA ILE A 81 -2.12 -28.14 22.18
C ILE A 81 -2.02 -27.08 23.27
N ASN A 82 -1.70 -27.50 24.48
CA ASN A 82 -1.43 -26.60 25.60
C ASN A 82 -0.32 -27.22 26.44
N ASP A 83 -0.16 -26.73 27.67
CA ASP A 83 0.97 -27.12 28.50
C ASP A 83 1.01 -28.63 28.73
N ASN A 84 -0.10 -29.22 29.17
CA ASN A 84 -0.10 -30.61 29.60
C ASN A 84 -0.47 -31.59 28.50
N ASN A 85 -1.07 -31.12 27.41
CA ASN A 85 -1.47 -32.01 26.33
C ASN A 85 -0.36 -32.23 25.31
N TYR A 86 0.85 -31.74 25.57
CA TYR A 86 1.89 -31.78 24.56
C TYR A 86 2.32 -33.20 24.27
N ASN A 87 2.59 -33.47 22.99
CA ASN A 87 3.12 -34.74 22.52
C ASN A 87 4.27 -34.44 21.58
N GLU A 88 5.48 -34.88 21.95
CA GLU A 88 6.67 -34.50 21.20
C GLU A 88 6.65 -35.01 19.77
N ASN A 89 5.81 -35.99 19.45
CA ASN A 89 5.74 -36.53 18.10
C ASN A 89 4.85 -35.70 17.18
N ILE A 90 4.11 -34.72 17.69
CA ILE A 90 3.19 -33.98 16.84
C ILE A 90 3.95 -33.18 15.79
N ASN A 91 5.17 -32.74 16.10
CA ASN A 91 5.93 -31.92 15.16
C ASN A 91 6.39 -32.71 13.94
N LEU A 92 6.28 -34.04 13.96
CA LEU A 92 6.65 -34.83 12.78
C LEU A 92 5.76 -34.55 11.59
N ILE A 93 4.58 -33.98 11.79
CA ILE A 93 3.72 -33.61 10.68
C ILE A 93 4.39 -32.54 9.82
N TYR A 94 5.30 -31.77 10.40
CA TYR A 94 5.94 -30.67 9.71
C TYR A 94 7.08 -31.12 8.81
N LYS A 95 7.52 -32.38 8.90
CA LYS A 95 8.63 -32.84 8.10
C LYS A 95 8.21 -33.16 6.68
N ASP A 96 9.01 -32.71 5.72
CA ASP A 96 8.82 -33.07 4.31
C ASP A 96 7.45 -32.64 3.79
N ILE A 97 7.11 -31.37 4.02
CA ILE A 97 5.94 -30.75 3.43
C ILE A 97 6.43 -29.67 2.47
N LYS A 98 5.55 -29.26 1.56
CA LYS A 98 5.79 -28.09 0.73
C LYS A 98 4.79 -26.96 0.95
N TYR A 99 3.62 -27.23 1.51
CA TYR A 99 2.68 -26.16 1.83
C TYR A 99 1.95 -26.47 3.13
N CYS A 100 1.59 -25.41 3.85
CA CYS A 100 0.80 -25.52 5.05
C CYS A 100 -0.18 -24.36 5.11
N GLY A 101 -1.33 -24.59 5.73
CA GLY A 101 -2.36 -23.58 5.86
C GLY A 101 -2.32 -22.89 7.21
N LEU A 102 -2.26 -21.55 7.20
CA LEU A 102 -2.00 -20.77 8.40
C LEU A 102 -3.19 -19.87 8.70
N ASN A 103 -3.53 -19.76 9.98
CA ASN A 103 -4.60 -18.89 10.42
C ASN A 103 -4.41 -18.56 11.88
N ILE A 104 -4.61 -17.29 12.23
CA ILE A 104 -4.46 -16.81 13.59
C ILE A 104 -5.65 -15.93 13.91
N GLN A 105 -5.84 -15.65 15.20
CA GLN A 105 -6.94 -14.81 15.64
C GLN A 105 -6.48 -13.96 16.80
N THR A 106 -7.02 -12.74 16.86
CA THR A 106 -6.57 -11.74 17.82
C THR A 106 -7.77 -11.14 18.53
N THR A 107 -7.56 -10.76 19.79
CA THR A 107 -8.66 -10.24 20.59
C THR A 107 -9.20 -8.93 20.03
N GLY A 108 -8.34 -8.10 19.45
CA GLY A 108 -8.76 -6.82 18.91
C GLY A 108 -8.17 -6.50 17.55
N LEU A 109 -7.87 -5.22 17.32
CA LEU A 109 -7.39 -4.77 16.02
C LEU A 109 -6.10 -3.95 16.09
N GLU A 110 -5.77 -3.37 17.24
CA GLU A 110 -4.54 -2.61 17.39
C GLU A 110 -3.41 -3.56 17.76
N VAL A 111 -2.39 -3.64 16.89
CA VAL A 111 -1.31 -4.58 17.11
C VAL A 111 -0.54 -4.27 18.39
N PHE A 112 -0.54 -3.00 18.81
CA PHE A 112 0.24 -2.55 19.95
C PHE A 112 -0.57 -2.51 21.24
N ASP A 113 -1.81 -3.03 21.25
CA ASP A 113 -2.64 -3.03 22.44
C ASP A 113 -3.27 -4.38 22.75
N GLU A 114 -3.08 -5.39 21.91
CA GLU A 114 -3.74 -6.67 22.07
C GLU A 114 -2.75 -7.82 21.89
N ASN A 115 -3.23 -9.03 22.17
CA ASN A 115 -2.42 -10.24 22.14
C ASN A 115 -3.07 -11.27 21.22
N ILE A 116 -2.22 -12.07 20.57
CA ILE A 116 -2.70 -13.16 19.73
C ILE A 116 -3.34 -14.23 20.62
N ARG A 117 -4.41 -14.83 20.12
CA ARG A 117 -5.15 -15.85 20.88
C ARG A 117 -4.84 -17.27 20.44
N LEU A 118 -4.79 -17.54 19.13
CA LEU A 118 -4.58 -18.89 18.64
C LEU A 118 -3.72 -18.86 17.39
N ILE A 119 -2.99 -19.95 17.18
CA ILE A 119 -2.29 -20.24 15.93
C ILE A 119 -2.86 -21.55 15.41
N GLN A 120 -3.06 -21.64 14.10
CA GLN A 120 -3.65 -22.83 13.48
C GLN A 120 -2.81 -23.18 12.26
N ILE A 121 -2.38 -24.45 12.18
CA ILE A 121 -1.68 -24.97 11.01
C ILE A 121 -2.56 -26.04 10.37
N ALA A 122 -2.50 -26.14 9.05
CA ALA A 122 -3.32 -27.09 8.29
C ALA A 122 -2.46 -27.73 7.22
N VAL A 123 -2.15 -29.01 7.39
CA VAL A 123 -1.29 -29.75 6.48
C VAL A 123 -2.16 -30.74 5.71
N GLU A 124 -1.73 -31.06 4.49
CA GLU A 124 -2.54 -31.87 3.60
C GLU A 124 -2.77 -33.26 4.18
N ASN A 125 -4.02 -33.71 4.13
CA ASN A 125 -4.41 -35.03 4.64
C ASN A 125 -3.99 -35.20 6.10
N TYR A 126 -4.24 -34.18 6.91
CA TYR A 126 -4.00 -34.24 8.33
C TYR A 126 -4.98 -33.31 9.03
N PRO A 127 -5.20 -33.49 10.33
CA PRO A 127 -6.07 -32.56 11.05
C PRO A 127 -5.36 -31.25 11.36
N VAL A 128 -6.16 -30.26 11.76
CA VAL A 128 -5.64 -28.94 12.10
C VAL A 128 -4.86 -29.04 13.40
N ILE A 129 -3.73 -28.35 13.47
CA ILE A 129 -2.92 -28.24 14.67
C ILE A 129 -3.14 -26.84 15.24
N ILE A 130 -3.69 -26.77 16.45
CA ILE A 130 -4.02 -25.49 17.09
C ILE A 130 -3.21 -25.37 18.36
N TYR A 131 -2.50 -24.26 18.51
CA TYR A 131 -1.80 -23.90 19.73
C TYR A 131 -2.59 -22.81 20.44
N ASP A 132 -2.89 -23.02 21.71
CA ASP A 132 -3.72 -22.10 22.49
C ASP A 132 -2.78 -21.11 23.18
N MET A 133 -2.56 -19.96 22.52
CA MET A 133 -1.47 -19.07 22.92
C MET A 133 -1.59 -18.62 24.38
N PHE A 134 -2.81 -18.56 24.92
CA PHE A 134 -2.98 -18.15 26.30
C PHE A 134 -2.69 -19.26 27.29
N ASN A 135 -2.21 -20.42 26.83
CA ASN A 135 -1.81 -21.48 27.76
C ASN A 135 -0.52 -22.16 27.31
N ILE A 136 0.27 -21.54 26.44
CA ILE A 136 1.58 -22.05 26.08
C ILE A 136 2.61 -21.28 26.90
N ASN A 137 2.89 -21.75 28.12
CA ASN A 137 3.88 -21.13 28.98
C ASN A 137 5.25 -21.77 28.88
N LYS A 138 5.34 -22.93 28.24
CA LYS A 138 6.63 -23.57 27.96
C LYS A 138 7.09 -23.12 26.59
N LYS A 139 8.18 -22.35 26.54
CA LYS A 139 8.67 -21.83 25.27
C LYS A 139 9.17 -22.92 24.33
N ASP A 140 9.39 -24.14 24.83
CA ASP A 140 9.84 -25.24 24.00
C ASP A 140 8.76 -25.80 23.10
N ILE A 141 7.49 -25.59 23.46
CA ILE A 141 6.39 -26.16 22.69
C ILE A 141 6.38 -25.61 21.26
N LEU A 142 6.71 -24.33 21.11
CA LEU A 142 6.53 -23.64 19.84
C LEU A 142 7.72 -23.78 18.90
N ASP A 143 8.71 -24.61 19.23
CA ASP A 143 9.90 -24.69 18.41
C ASP A 143 9.60 -25.19 17.00
N GLY A 144 8.73 -26.20 16.87
CA GLY A 144 8.34 -26.64 15.54
C GLY A 144 7.64 -25.56 14.74
N LEU A 145 6.77 -24.78 15.41
CA LEU A 145 6.13 -23.68 14.73
C LEU A 145 7.16 -22.66 14.25
N ARG A 146 8.17 -22.39 15.08
CA ARG A 146 9.20 -21.45 14.67
C ARG A 146 9.95 -21.97 13.46
N LYS A 147 10.24 -23.27 13.43
CA LYS A 147 10.90 -23.85 12.26
C LYS A 147 10.05 -23.70 11.01
N VAL A 148 8.77 -24.09 11.09
CA VAL A 148 7.94 -24.07 9.90
C VAL A 148 7.74 -22.64 9.40
N LEU A 149 7.56 -21.69 10.30
CA LEU A 149 7.46 -20.29 9.90
C LEU A 149 8.77 -19.83 9.25
N GLU A 150 9.90 -20.24 9.80
CA GLU A 150 11.20 -19.72 9.35
C GLU A 150 11.66 -20.34 8.04
N ASN A 151 11.29 -21.57 7.75
CA ASN A 151 11.87 -22.28 6.61
C ASN A 151 11.47 -21.60 5.30
N LYS A 152 12.46 -21.36 4.45
CA LYS A 152 12.22 -20.68 3.18
C LYS A 152 11.68 -21.61 2.11
N ASN A 153 11.95 -22.91 2.20
CA ASN A 153 11.49 -23.85 1.19
C ASN A 153 10.02 -24.21 1.33
N ILE A 154 9.38 -23.86 2.46
CA ILE A 154 7.99 -24.24 2.73
C ILE A 154 7.11 -23.01 2.58
N ILE A 155 6.03 -23.16 1.84
CA ILE A 155 5.10 -22.05 1.58
C ILE A 155 4.05 -22.03 2.68
N LYS A 156 3.71 -20.82 3.12
CA LYS A 156 2.63 -20.59 4.06
C LYS A 156 1.46 -19.94 3.34
N ILE A 157 0.27 -20.51 3.49
CA ILE A 157 -0.95 -20.00 2.87
C ILE A 157 -1.70 -19.18 3.90
N ILE A 158 -2.04 -17.94 3.54
CA ILE A 158 -2.66 -16.99 4.46
C ILE A 158 -3.80 -16.28 3.76
N GLN A 159 -4.73 -15.77 4.55
CA GLN A 159 -5.83 -14.92 4.10
C GLN A 159 -5.67 -13.56 4.77
N ASN A 160 -5.65 -12.50 3.96
CA ASN A 160 -5.31 -11.17 4.43
C ASN A 160 -3.95 -11.20 5.14
N GLY A 161 -2.96 -11.67 4.39
CA GLY A 161 -1.66 -12.01 4.96
C GLY A 161 -0.95 -10.87 5.65
N LYS A 162 -1.25 -9.64 5.27
CA LYS A 162 -0.59 -8.50 5.90
C LYS A 162 -0.89 -8.44 7.39
N PHE A 163 -2.14 -8.69 7.77
CA PHE A 163 -2.53 -8.62 9.18
C PHE A 163 -1.77 -9.65 10.01
N ASP A 164 -1.77 -10.90 9.56
CA ASP A 164 -1.11 -11.95 10.30
C ASP A 164 0.40 -11.74 10.33
N ALA A 165 0.97 -11.26 9.23
CA ALA A 165 2.40 -10.99 9.21
C ALA A 165 2.76 -9.89 10.19
N LYS A 166 1.93 -8.84 10.29
CA LYS A 166 2.15 -7.82 11.31
C LYS A 166 2.15 -8.43 12.70
N PHE A 167 1.10 -9.18 13.03
CA PHE A 167 0.96 -9.69 14.39
C PHE A 167 2.08 -10.66 14.73
N LEU A 168 2.53 -11.45 13.77
CA LEU A 168 3.63 -12.37 14.03
C LEU A 168 4.94 -11.64 14.17
N LEU A 169 5.23 -10.70 13.26
CA LEU A 169 6.51 -10.02 13.28
C LEU A 169 6.70 -9.23 14.57
N HIS A 170 5.62 -8.61 15.07
CA HIS A 170 5.77 -7.85 16.31
C HIS A 170 6.15 -8.75 17.48
N ASN A 171 5.60 -9.96 17.53
CA ASN A 171 5.77 -10.85 18.67
C ASN A 171 6.95 -11.80 18.52
N ASN A 172 7.99 -11.41 17.81
CA ASN A 172 9.23 -12.18 17.70
C ASN A 172 9.01 -13.50 16.97
N PHE A 173 8.45 -13.41 15.76
CA PHE A 173 8.30 -14.55 14.87
C PHE A 173 8.84 -14.19 13.50
N LYS A 174 9.65 -15.07 12.92
CA LYS A 174 10.28 -14.85 11.63
C LYS A 174 9.61 -15.71 10.57
N ILE A 175 9.11 -15.07 9.51
CA ILE A 175 8.40 -15.73 8.43
C ILE A 175 9.05 -15.34 7.12
N GLU A 176 9.31 -16.33 6.27
CA GLU A 176 10.03 -16.12 5.01
C GLU A 176 9.12 -16.27 3.80
N ASN A 177 8.46 -17.41 3.64
CA ASN A 177 7.63 -17.67 2.48
C ASN A 177 6.18 -17.30 2.79
N ILE A 178 5.43 -17.01 1.73
CA ILE A 178 4.03 -16.59 1.89
C ILE A 178 3.32 -16.67 0.55
N PHE A 179 2.03 -17.05 0.58
CA PHE A 179 1.19 -17.08 -0.62
C PHE A 179 -0.22 -16.75 -0.15
N ASP A 180 -0.66 -15.52 -0.41
CA ASP A 180 -1.92 -15.02 0.13
C ASP A 180 -3.02 -15.22 -0.90
N THR A 181 -4.17 -15.70 -0.45
CA THR A 181 -5.27 -15.97 -1.35
C THR A 181 -5.97 -14.69 -1.80
N TYR A 182 -6.02 -13.67 -0.94
CA TYR A 182 -6.68 -12.43 -1.30
C TYR A 182 -5.96 -11.76 -2.47
N ILE A 183 -4.63 -11.80 -2.47
CA ILE A 183 -3.87 -11.25 -3.59
C ILE A 183 -4.25 -11.96 -4.87
N ALA A 184 -4.28 -13.29 -4.84
CA ALA A 184 -4.55 -14.06 -6.05
C ALA A 184 -5.96 -13.80 -6.55
N SER A 185 -6.92 -13.70 -5.64
CA SER A 185 -8.29 -13.42 -6.04
C SER A 185 -8.39 -12.04 -6.70
N LYS A 186 -7.78 -11.02 -6.09
CA LYS A 186 -7.85 -9.68 -6.65
C LYS A 186 -7.18 -9.63 -8.03
N LEU A 187 -6.02 -10.25 -8.16
CA LEU A 187 -5.33 -10.26 -9.45
C LEU A 187 -6.15 -10.99 -10.51
N LEU A 188 -6.76 -12.11 -10.11
CA LEU A 188 -7.57 -12.88 -11.06
C LEU A 188 -8.81 -12.12 -11.49
N ASP A 189 -9.44 -11.39 -10.58
CA ASP A 189 -10.66 -10.68 -10.93
C ASP A 189 -10.40 -9.49 -11.85
N LYS A 190 -9.16 -9.05 -11.98
CA LYS A 190 -8.79 -7.99 -12.93
C LYS A 190 -9.51 -6.68 -12.62
N ASN A 191 -9.78 -6.42 -11.36
CA ASN A 191 -10.35 -5.14 -10.91
C ASN A 191 -11.72 -4.89 -11.52
N LYS A 192 -12.50 -5.96 -11.73
CA LYS A 192 -13.86 -5.79 -12.22
C LYS A 192 -14.73 -5.11 -11.18
N ASN A 193 -14.48 -5.37 -9.90
CA ASN A 193 -15.34 -4.97 -8.80
C ASN A 193 -14.46 -4.67 -7.59
N MET A 194 -14.99 -3.87 -6.67
CA MET A 194 -14.23 -3.38 -5.53
C MET A 194 -14.54 -4.12 -4.23
N TYR A 195 -15.73 -4.73 -4.13
CA TYR A 195 -16.16 -5.36 -2.90
C TYR A 195 -15.93 -6.86 -2.98
N GLY A 196 -16.27 -7.55 -1.90
CA GLY A 196 -16.12 -8.99 -1.85
C GLY A 196 -14.70 -9.38 -1.53
N PHE A 197 -14.26 -10.49 -2.13
CA PHE A 197 -12.91 -11.02 -1.91
C PHE A 197 -12.72 -11.52 -0.48
N LYS A 198 -13.79 -11.99 0.15
CA LYS A 198 -13.71 -12.56 1.48
C LYS A 198 -13.77 -14.09 1.39
N LEU A 199 -13.51 -14.75 2.51
CA LEU A 199 -13.46 -16.21 2.51
C LEU A 199 -14.79 -16.81 2.09
N ASN A 200 -15.89 -16.29 2.61
CA ASN A 200 -17.21 -16.76 2.18
C ASN A 200 -17.40 -16.53 0.69
N ASN A 201 -17.14 -15.30 0.23
CA ASN A 201 -17.33 -14.98 -1.18
C ASN A 201 -16.43 -15.83 -2.05
N ILE A 202 -15.16 -15.94 -1.70
CA ILE A 202 -14.22 -16.62 -2.60
C ILE A 202 -14.48 -18.12 -2.60
N VAL A 203 -14.80 -18.70 -1.44
CA VAL A 203 -15.03 -20.14 -1.40
C VAL A 203 -16.32 -20.48 -2.13
N GLU A 204 -17.35 -19.66 -1.98
CA GLU A 204 -18.56 -19.89 -2.76
C GLU A 204 -18.32 -19.68 -4.25
N LYS A 205 -17.40 -18.78 -4.59
CA LYS A 205 -17.16 -18.48 -6.00
C LYS A 205 -16.38 -19.59 -6.69
N TYR A 206 -15.39 -20.16 -6.02
CA TYR A 206 -14.52 -21.16 -6.63
C TYR A 206 -14.88 -22.59 -6.22
N LEU A 207 -14.89 -22.89 -4.92
CA LEU A 207 -15.05 -24.27 -4.48
C LEU A 207 -16.50 -24.71 -4.37
N ASN A 208 -17.47 -23.82 -4.55
CA ASN A 208 -18.89 -24.18 -4.55
C ASN A 208 -19.30 -24.78 -3.21
N VAL A 209 -19.02 -24.03 -2.14
CA VAL A 209 -19.35 -24.45 -0.78
C VAL A 209 -19.67 -23.20 0.02
N ILE A 210 -20.60 -23.34 0.97
CA ILE A 210 -21.01 -22.25 1.85
C ILE A 210 -20.42 -22.51 3.22
N LEU A 211 -19.74 -21.50 3.77
CA LEU A 211 -19.07 -21.64 5.05
C LEU A 211 -19.99 -21.41 6.25
N ASP A 212 -21.17 -20.84 6.04
CA ASP A 212 -22.10 -20.54 7.13
C ASP A 212 -21.43 -19.64 8.18
N LYS A 213 -20.69 -18.64 7.72
CA LYS A 213 -19.96 -17.75 8.62
C LYS A 213 -20.94 -16.82 9.33
N GLN A 214 -21.68 -17.36 10.29
CA GLN A 214 -22.72 -16.63 11.00
C GLN A 214 -22.32 -16.25 12.42
N GLN A 215 -21.05 -16.39 12.78
CA GLN A 215 -20.57 -15.94 14.09
C GLN A 215 -20.39 -14.43 14.07
N GLN A 216 -21.04 -13.75 15.02
CA GLN A 216 -21.03 -12.29 15.07
C GLN A 216 -19.91 -11.77 15.97
N ASN A 217 -18.69 -12.25 15.74
CA ASN A 217 -17.50 -11.76 16.43
C ASN A 217 -17.66 -11.83 17.95
N SER A 218 -17.80 -13.04 18.45
CA SER A 218 -17.95 -13.25 19.89
C SER A 218 -16.67 -12.84 20.62
N VAL A 219 -16.77 -12.76 21.94
CA VAL A 219 -15.65 -12.32 22.77
C VAL A 219 -14.51 -13.32 22.66
N TRP A 220 -13.28 -12.82 22.74
CA TRP A 220 -12.09 -13.64 22.70
C TRP A 220 -11.15 -13.44 23.89
N ASN A 221 -11.39 -12.44 24.72
CA ASN A 221 -10.47 -12.18 25.84
C ASN A 221 -10.47 -13.34 26.82
N ASN A 222 -11.63 -13.95 27.05
CA ASN A 222 -11.74 -15.02 28.04
C ASN A 222 -10.84 -16.19 27.68
N SER A 223 -10.30 -16.84 28.70
CA SER A 223 -9.36 -17.95 28.48
C SER A 223 -10.04 -19.14 27.82
N LEU A 224 -11.20 -19.54 28.32
CA LEU A 224 -11.88 -20.70 27.78
C LEU A 224 -12.51 -20.39 26.43
N LEU A 225 -12.70 -21.43 25.62
CA LEU A 225 -13.33 -21.30 24.31
C LEU A 225 -14.37 -22.41 24.14
N ASN A 226 -15.51 -22.07 23.56
CA ASN A 226 -16.59 -23.02 23.32
C ASN A 226 -16.42 -23.71 21.97
N ASN A 227 -17.27 -24.71 21.74
CA ASN A 227 -17.10 -25.58 20.59
C ASN A 227 -17.32 -24.83 19.28
N ASN A 228 -18.38 -24.03 19.21
CA ASN A 228 -18.72 -23.35 17.96
C ASN A 228 -17.60 -22.43 17.50
N GLN A 229 -17.02 -21.66 18.42
CA GLN A 229 -15.93 -20.77 18.07
C GLN A 229 -14.78 -21.54 17.44
N LEU A 230 -14.37 -22.62 18.09
CA LEU A 230 -13.19 -23.33 17.61
C LEU A 230 -13.45 -24.02 16.29
N PHE A 231 -14.65 -24.59 16.11
CA PHE A 231 -14.95 -25.22 14.84
C PHE A 231 -15.01 -24.20 13.72
N TYR A 232 -15.60 -23.03 13.99
CA TYR A 232 -15.57 -21.96 13.00
C TYR A 232 -14.15 -21.54 12.69
N ALA A 233 -13.28 -21.57 13.70
CA ALA A 233 -11.88 -21.20 13.46
C ALA A 233 -11.19 -22.22 12.58
N ALA A 234 -11.42 -23.51 12.82
CA ALA A 234 -10.69 -24.54 12.10
C ALA A 234 -11.06 -24.54 10.62
N ARG A 235 -12.36 -24.55 10.31
CA ARG A 235 -12.78 -24.59 8.91
C ARG A 235 -12.26 -23.38 8.14
N ASP A 236 -12.04 -22.26 8.83
CA ASP A 236 -11.44 -21.10 8.18
C ASP A 236 -9.96 -21.32 7.87
N SER A 237 -9.32 -22.33 8.48
CA SER A 237 -7.93 -22.63 8.22
C SER A 237 -7.75 -23.71 7.17
N SER A 238 -8.35 -24.88 7.38
CA SER A 238 -8.12 -26.00 6.48
C SER A 238 -8.65 -25.73 5.08
N CYS A 239 -9.64 -24.85 4.94
CA CYS A 239 -10.22 -24.58 3.63
C CYS A 239 -9.22 -23.95 2.67
N LEU A 240 -8.18 -23.28 3.18
CA LEU A 240 -7.22 -22.61 2.32
C LEU A 240 -6.43 -23.58 1.45
N LEU A 241 -6.30 -24.85 1.86
CA LEU A 241 -5.44 -25.77 1.11
C LEU A 241 -6.02 -26.06 -0.27
N LYS A 242 -7.29 -26.44 -0.34
CA LYS A 242 -7.90 -26.72 -1.63
C LYS A 242 -8.02 -25.46 -2.47
N LEU A 243 -8.29 -24.33 -1.81
CA LEU A 243 -8.35 -23.06 -2.53
C LEU A 243 -7.01 -22.74 -3.17
N TYR A 244 -5.92 -22.98 -2.45
CA TYR A 244 -4.59 -22.83 -3.04
C TYR A 244 -4.39 -23.79 -4.19
N LYS A 245 -4.77 -25.05 -4.01
CA LYS A 245 -4.53 -26.06 -5.04
C LYS A 245 -5.25 -25.73 -6.33
N LYS A 246 -6.40 -25.06 -6.25
CA LYS A 246 -7.12 -24.68 -7.47
C LYS A 246 -6.63 -23.33 -8.00
N LEU A 247 -6.44 -22.36 -7.10
CA LEU A 247 -6.02 -21.02 -7.52
C LEU A 247 -4.68 -21.00 -8.20
N LYS A 248 -3.71 -21.78 -7.71
CA LYS A 248 -2.37 -21.74 -8.29
C LYS A 248 -2.40 -22.16 -9.76
N GLU A 249 -3.12 -23.25 -10.05
CA GLU A 249 -3.22 -23.65 -11.44
C GLU A 249 -3.96 -22.59 -12.24
N GLU A 250 -5.03 -22.02 -11.67
CA GLU A 250 -5.80 -21.04 -12.44
C GLU A 250 -4.95 -19.83 -12.79
N ILE A 251 -4.16 -19.34 -11.83
CA ILE A 251 -3.29 -18.20 -12.10
C ILE A 251 -2.22 -18.57 -13.12
N LYS A 252 -1.75 -19.82 -13.07
CA LYS A 252 -0.78 -20.23 -14.07
C LYS A 252 -1.39 -20.21 -15.46
N LYS A 253 -2.70 -20.44 -15.56
CA LYS A 253 -3.35 -20.41 -16.87
C LYS A 253 -3.25 -19.02 -17.52
N GLU A 254 -3.49 -17.96 -16.75
CA GLU A 254 -3.59 -16.61 -17.30
C GLU A 254 -2.27 -15.85 -17.27
N ASN A 255 -1.18 -16.48 -16.84
CA ASN A 255 0.14 -15.84 -16.83
C ASN A 255 0.13 -14.56 -15.99
N LEU A 256 -0.08 -14.77 -14.69
CA LEU A 256 0.05 -13.71 -13.69
C LEU A 256 0.98 -14.13 -12.56
N HIS A 257 1.92 -15.04 -12.84
CA HIS A 257 2.78 -15.55 -11.79
C HIS A 257 3.81 -14.51 -11.35
N ILE A 258 4.29 -13.69 -12.28
CA ILE A 258 5.32 -12.72 -11.94
C ILE A 258 4.77 -11.68 -10.96
N VAL A 259 3.61 -11.11 -11.30
CA VAL A 259 3.03 -10.10 -10.42
C VAL A 259 2.63 -10.72 -9.09
N ASN A 260 2.15 -11.96 -9.11
CA ASN A 260 1.77 -12.60 -7.84
C ASN A 260 2.98 -12.82 -6.96
N ASP A 261 4.08 -13.28 -7.54
CA ASP A 261 5.29 -13.50 -6.73
C ASP A 261 5.83 -12.19 -6.20
N ILE A 262 5.83 -11.13 -7.01
CA ILE A 262 6.35 -9.86 -6.51
C ILE A 262 5.44 -9.29 -5.44
N GLU A 263 4.13 -9.56 -5.52
CA GLU A 263 3.20 -9.07 -4.51
C GLU A 263 3.35 -9.83 -3.21
N ASN A 264 3.43 -11.16 -3.28
CA ASN A 264 3.50 -11.96 -2.06
C ASN A 264 4.77 -11.67 -1.30
N LYS A 265 5.89 -11.47 -2.00
CA LYS A 265 7.13 -11.10 -1.35
C LYS A 265 7.08 -9.72 -0.73
N CYS A 266 6.08 -8.90 -1.07
CA CYS A 266 5.97 -7.55 -0.55
C CYS A 266 5.17 -7.47 0.75
N ILE A 267 4.63 -8.59 1.23
CA ILE A 267 3.90 -8.55 2.50
C ILE A 267 4.84 -8.19 3.64
N LEU A 268 6.03 -8.76 3.66
CA LEU A 268 6.92 -8.57 4.80
C LEU A 268 7.56 -7.18 4.78
N PRO A 269 8.02 -6.67 3.64
CA PRO A 269 8.43 -5.26 3.61
C PRO A 269 7.32 -4.32 4.05
N ILE A 270 6.07 -4.60 3.66
CA ILE A 270 4.96 -3.75 4.05
C ILE A 270 4.75 -3.81 5.56
N CYS A 271 4.85 -5.01 6.14
CA CYS A 271 4.66 -5.12 7.59
C CYS A 271 5.76 -4.42 8.35
N ASP A 272 7.00 -4.52 7.88
CA ASP A 272 8.08 -3.79 8.52
C ASP A 272 7.86 -2.28 8.43
N MET A 273 7.43 -1.80 7.26
CA MET A 273 7.11 -0.38 7.11
C MET A 273 6.00 0.02 8.06
N GLU A 274 4.97 -0.81 8.19
CA GLU A 274 3.86 -0.52 9.07
C GLU A 274 4.30 -0.42 10.52
N LEU A 275 5.13 -1.37 10.96
CA LEU A 275 5.52 -1.43 12.37
C LEU A 275 6.64 -0.46 12.72
N ASN A 276 7.32 0.12 11.73
CA ASN A 276 8.34 1.11 12.04
C ASN A 276 7.71 2.46 12.37
N GLY A 277 7.00 3.05 11.40
CA GLY A 277 6.43 4.35 11.61
C GLY A 277 7.48 5.44 11.56
N ILE A 278 7.00 6.67 11.75
CA ILE A 278 7.85 7.85 11.68
C ILE A 278 7.70 8.61 12.99
N LYS A 279 8.81 9.03 13.56
CA LYS A 279 8.77 9.89 14.73
C LYS A 279 8.35 11.30 14.33
N VAL A 280 7.91 12.08 15.32
CA VAL A 280 7.50 13.46 15.11
C VAL A 280 8.14 14.32 16.19
N ASP A 281 8.75 15.43 15.77
CA ASP A 281 9.36 16.37 16.70
C ASP A 281 8.24 17.09 17.42
N LEU A 282 7.93 16.65 18.64
CA LEU A 282 6.82 17.24 19.37
C LEU A 282 7.06 18.72 19.62
N GLU A 283 8.28 19.08 20.01
CA GLU A 283 8.58 20.48 20.31
C GLU A 283 8.42 21.35 19.07
N ASN A 284 9.05 20.94 17.96
CA ASN A 284 8.95 21.71 16.72
C ASN A 284 7.52 21.75 16.23
N LEU A 285 6.78 20.66 16.40
CA LEU A 285 5.38 20.66 16.02
C LEU A 285 4.60 21.67 16.83
N GLN A 286 4.89 21.78 18.13
CA GLN A 286 4.22 22.76 18.97
C GLN A 286 4.54 24.17 18.53
N LYS A 287 5.82 24.43 18.21
CA LYS A 287 6.20 25.77 17.76
C LYS A 287 5.49 26.10 16.46
N SER A 288 5.45 25.14 15.53
CA SER A 288 4.77 25.35 14.26
C SER A 288 3.29 25.63 14.49
N THR A 289 2.66 24.90 15.41
CA THR A 289 1.24 25.12 15.69
C THR A 289 1.02 26.52 16.22
N ASN A 290 1.88 26.96 17.14
CA ASN A 290 1.74 28.31 17.68
C ASN A 290 1.87 29.35 16.58
N GLU A 291 2.92 29.25 15.77
CA GLU A 291 3.18 30.26 14.75
C GLU A 291 2.06 30.29 13.71
N ILE A 292 1.62 29.11 13.26
CA ILE A 292 0.60 29.06 12.22
C ILE A 292 -0.74 29.55 12.77
N LEU A 293 -1.05 29.23 14.03
CA LEU A 293 -2.28 29.73 14.61
C LEU A 293 -2.25 31.25 14.73
N ASN A 294 -1.11 31.81 15.15
CA ASN A 294 -1.01 33.26 15.25
C ASN A 294 -1.17 33.92 13.89
N GLU A 295 -0.50 33.38 12.87
CA GLU A 295 -0.63 33.94 11.52
C GLU A 295 -2.07 33.81 11.03
N LEU A 296 -2.71 32.67 11.28
CA LEU A 296 -4.09 32.48 10.87
C LEU A 296 -5.01 33.48 11.56
N ASN A 297 -4.80 33.72 12.85
CA ASN A 297 -5.63 34.68 13.55
C ASN A 297 -5.42 36.07 13.01
N ILE A 298 -4.17 36.43 12.70
CA ILE A 298 -3.91 37.74 12.10
C ILE A 298 -4.66 37.85 10.77
N GLU A 299 -4.61 36.80 9.96
CA GLU A 299 -5.29 36.84 8.68
C GLU A 299 -6.80 36.93 8.84
N LYS A 300 -7.35 36.22 9.83
CA LYS A 300 -8.79 36.27 10.04
C LYS A 300 -9.20 37.67 10.46
N ASP A 301 -8.44 38.29 11.36
CA ASP A 301 -8.76 39.65 11.77
C ASP A 301 -8.67 40.61 10.58
N ASN A 302 -7.65 40.43 9.74
CA ASN A 302 -7.50 41.30 8.59
C ASN A 302 -8.67 41.15 7.62
N LEU A 303 -9.11 39.92 7.37
CA LEU A 303 -10.23 39.71 6.47
C LEU A 303 -11.52 40.25 7.07
N LYS A 304 -11.71 40.07 8.38
CA LYS A 304 -12.90 40.62 9.03
C LYS A 304 -12.92 42.14 8.90
N LYS A 305 -11.77 42.79 9.08
CA LYS A 305 -11.69 44.23 8.85
C LYS A 305 -12.02 44.55 7.40
N LYS A 306 -11.50 43.76 6.46
CA LYS A 306 -11.82 43.97 5.05
C LYS A 306 -13.26 43.61 4.75
N LEU A 307 -13.77 42.54 5.35
CA LEU A 307 -15.14 42.11 5.12
C LEU A 307 -16.16 43.03 5.77
N LYS A 308 -15.73 43.90 6.68
CA LYS A 308 -16.60 44.92 7.26
C LYS A 308 -17.79 44.29 7.99
N ASP A 309 -17.51 43.22 8.72
CA ASP A 309 -18.53 42.55 9.52
C ASP A 309 -17.84 41.83 10.67
N GLU A 310 -18.51 41.80 11.83
CA GLU A 310 -18.00 41.11 13.01
C GLU A 310 -18.67 39.76 13.24
N ASN A 311 -19.98 39.67 13.01
CA ASN A 311 -20.70 38.41 13.16
C ASN A 311 -20.60 37.52 11.93
N ILE A 312 -19.90 37.97 10.87
CA ILE A 312 -19.67 37.17 9.67
C ILE A 312 -19.06 35.83 10.06
N ASN A 313 -19.62 34.75 9.51
CA ASN A 313 -19.16 33.43 9.87
C ASN A 313 -17.80 33.12 9.24
N VAL A 314 -17.49 33.77 8.11
CA VAL A 314 -16.24 33.67 7.35
C VAL A 314 -16.02 32.25 6.82
N ASN A 315 -16.20 31.22 7.65
CA ASN A 315 -16.18 29.86 7.14
C ASN A 315 -17.40 29.59 6.25
N SER A 316 -18.50 30.29 6.47
CA SER A 316 -19.73 30.02 5.72
C SER A 316 -19.63 30.57 4.31
N GLN A 317 -19.65 29.65 3.34
CA GLN A 317 -19.53 30.04 1.94
C GLN A 317 -20.64 31.03 1.54
N GLN A 318 -21.88 30.76 1.96
CA GLN A 318 -22.98 31.61 1.52
C GLN A 318 -22.86 33.01 2.09
N GLN A 319 -22.49 33.12 3.36
CA GLN A 319 -22.38 34.44 3.98
C GLN A 319 -21.22 35.24 3.41
N VAL A 320 -20.09 34.58 3.13
CA VAL A 320 -18.97 35.33 2.55
C VAL A 320 -19.30 35.75 1.12
N LEU A 321 -20.01 34.89 0.38
CA LEU A 321 -20.47 35.30 -0.94
C LEU A 321 -21.38 36.52 -0.86
N LYS A 322 -22.30 36.52 0.11
CA LYS A 322 -23.16 37.67 0.30
C LYS A 322 -22.36 38.91 0.66
N ALA A 323 -21.34 38.75 1.51
CA ALA A 323 -20.52 39.89 1.89
C ALA A 323 -19.79 40.46 0.69
N LEU A 324 -19.23 39.59 -0.16
CA LEU A 324 -18.57 40.08 -1.36
C LEU A 324 -19.56 40.78 -2.28
N GLN A 325 -20.77 40.23 -2.40
CA GLN A 325 -21.80 40.86 -3.22
C GLN A 325 -22.12 42.25 -2.69
N LYS A 326 -22.23 42.38 -1.36
CA LYS A 326 -22.49 43.68 -0.76
C LYS A 326 -21.34 44.64 -1.03
N ASN A 327 -20.10 44.14 -0.95
CA ASN A 327 -18.94 44.96 -1.30
C ASN A 327 -18.81 45.13 -2.81
N ASN A 328 -19.42 44.25 -3.59
CA ASN A 328 -19.44 44.36 -5.06
C ASN A 328 -18.03 44.31 -5.64
N VAL A 329 -17.34 43.20 -5.35
CA VAL A 329 -16.06 42.92 -5.99
C VAL A 329 -16.37 42.33 -7.37
N ARG A 330 -15.86 42.97 -8.41
CA ARG A 330 -16.20 42.62 -9.79
C ARG A 330 -14.98 42.02 -10.49
N ASP A 331 -15.21 41.61 -11.73
CA ASP A 331 -14.17 41.05 -12.59
C ASP A 331 -13.47 42.17 -13.36
N ILE A 332 -12.48 41.80 -14.18
CA ILE A 332 -11.94 42.75 -15.14
C ILE A 332 -13.02 43.19 -16.11
N SER A 333 -13.95 42.29 -16.44
CA SER A 333 -15.10 42.60 -17.27
C SER A 333 -16.29 43.11 -16.46
N ASN A 334 -16.05 43.63 -15.26
CA ASN A 334 -17.11 44.18 -14.40
C ASN A 334 -18.16 43.13 -14.10
N LYS A 335 -17.73 41.89 -13.87
CA LYS A 335 -18.61 40.78 -13.52
C LYS A 335 -18.40 40.40 -12.06
N LEU A 336 -19.50 40.17 -11.36
CA LEU A 336 -19.46 39.86 -9.94
C LEU A 336 -19.17 38.38 -9.71
N ILE A 337 -18.58 38.08 -8.56
CA ILE A 337 -18.32 36.71 -8.16
C ILE A 337 -19.64 36.05 -7.77
N GLU A 338 -19.85 34.83 -8.27
CA GLU A 338 -20.96 34.00 -7.86
C GLU A 338 -20.52 32.78 -7.06
N ASN A 339 -19.22 32.50 -7.00
CA ASN A 339 -18.70 31.33 -6.33
C ASN A 339 -17.23 31.59 -5.99
N THR A 340 -16.80 31.07 -4.85
CA THR A 340 -15.43 31.29 -4.35
C THR A 340 -14.57 30.05 -4.49
N SER A 341 -14.73 29.28 -5.56
CA SER A 341 -13.87 28.15 -5.81
C SER A 341 -12.49 28.61 -6.26
N ASP A 342 -11.55 27.68 -6.25
CA ASP A 342 -10.17 28.01 -6.62
C ASP A 342 -10.12 28.52 -8.06
N SER A 343 -10.75 27.81 -8.98
CA SER A 343 -10.74 28.23 -10.38
C SER A 343 -11.39 29.60 -10.53
N ASN A 344 -12.54 29.81 -9.88
CA ASN A 344 -13.18 31.11 -9.92
C ASN A 344 -12.31 32.16 -9.24
N LEU A 345 -11.70 31.82 -8.11
CA LEU A 345 -10.85 32.76 -7.41
C LEU A 345 -9.63 33.15 -8.25
N LYS A 346 -9.09 32.21 -9.01
CA LYS A 346 -7.95 32.52 -9.87
C LYS A 346 -8.30 33.60 -10.88
N ASN A 347 -9.55 33.59 -11.38
CA ASN A 347 -9.96 34.60 -12.34
C ASN A 347 -9.95 35.99 -11.71
N PHE A 348 -10.39 36.10 -10.46
CA PHE A 348 -10.48 37.37 -9.75
C PHE A 348 -9.23 37.51 -8.89
N LEU A 349 -8.31 38.38 -9.30
CA LEU A 349 -7.03 38.55 -8.62
C LEU A 349 -6.63 39.99 -8.38
N ASN A 350 -7.36 40.97 -8.94
CA ASN A 350 -6.96 42.38 -8.90
C ASN A 350 -7.65 43.15 -7.78
N HIS A 351 -7.94 42.49 -6.65
CA HIS A 351 -8.53 43.14 -5.50
C HIS A 351 -7.79 42.71 -4.24
N GLU A 352 -7.54 43.68 -3.35
CA GLU A 352 -6.91 43.34 -2.08
C GLU A 352 -7.82 42.46 -1.24
N GLU A 353 -9.12 42.74 -1.26
CA GLU A 353 -10.07 41.97 -0.47
C GLU A 353 -10.04 40.49 -0.84
N ILE A 354 -10.17 40.20 -2.14
CA ILE A 354 -10.20 38.80 -2.55
C ILE A 354 -8.84 38.16 -2.35
N ILE A 355 -7.76 38.93 -2.44
CA ILE A 355 -6.44 38.37 -2.18
C ILE A 355 -6.33 37.93 -0.72
N SER A 356 -6.81 38.77 0.20
CA SER A 356 -6.81 38.38 1.61
C SER A 356 -7.73 37.18 1.83
N LEU A 357 -8.87 37.14 1.14
CA LEU A 357 -9.76 36.00 1.24
C LEU A 357 -9.06 34.73 0.78
N ARG A 358 -8.33 34.81 -0.32
CA ARG A 358 -7.62 33.65 -0.84
C ARG A 358 -6.54 33.20 0.13
N ASN A 359 -5.86 34.17 0.77
CA ASN A 359 -4.88 33.82 1.78
C ASN A 359 -5.52 33.10 2.95
N TYR A 360 -6.69 33.56 3.38
CA TYR A 360 -7.44 32.84 4.41
C TYR A 360 -7.77 31.44 3.95
N ARG A 361 -8.23 31.29 2.71
CA ARG A 361 -8.56 29.97 2.21
C ARG A 361 -7.36 29.03 2.33
N ARG A 362 -6.20 29.48 1.83
CA ARG A 362 -5.01 28.64 1.89
C ARG A 362 -4.63 28.31 3.33
N LEU A 363 -4.53 29.34 4.17
CA LEU A 363 -4.03 29.13 5.52
C LEU A 363 -4.97 28.23 6.32
N TYR A 364 -6.28 28.47 6.22
CA TYR A 364 -7.22 27.65 6.97
C TYR A 364 -7.21 26.23 6.46
N LYS A 365 -7.16 26.05 5.13
CA LYS A 365 -7.06 24.70 4.59
C LYS A 365 -5.87 23.98 5.18
N LEU A 366 -4.70 24.63 5.17
CA LEU A 366 -3.49 23.98 5.66
C LEU A 366 -3.63 23.63 7.13
N TYR A 367 -4.05 24.59 7.95
CA TYR A 367 -4.09 24.38 9.40
C TYR A 367 -5.08 23.26 9.74
N SER A 368 -6.31 23.38 9.25
CA SER A 368 -7.32 22.37 9.55
C SER A 368 -6.90 21.00 9.02
N ALA A 369 -6.35 20.94 7.81
CA ALA A 369 -6.01 19.66 7.23
C ALA A 369 -4.90 18.96 8.00
N PHE A 370 -3.89 19.69 8.46
CA PHE A 370 -2.70 19.06 9.02
C PHE A 370 -2.56 19.24 10.54
N TYR A 371 -2.53 20.47 11.03
CA TYR A 371 -2.08 20.67 12.39
C TYR A 371 -3.13 20.26 13.42
N LEU A 372 -4.39 20.60 13.18
CA LEU A 372 -5.44 20.19 14.11
C LEU A 372 -5.79 18.71 13.98
N LYS A 373 -5.31 18.03 12.93
CA LYS A 373 -5.67 16.64 12.68
C LYS A 373 -4.57 15.66 13.05
N LEU A 374 -3.30 16.06 12.98
CA LEU A 374 -2.22 15.15 13.29
C LEU A 374 -2.24 14.63 14.73
N PRO A 375 -2.44 15.46 15.75
CA PRO A 375 -2.24 14.98 17.14
C PRO A 375 -3.11 13.80 17.53
N LEU A 376 -4.30 13.65 16.92
CA LEU A 376 -5.16 12.54 17.27
C LEU A 376 -4.55 11.18 16.94
N HIS A 377 -3.54 11.15 16.06
CA HIS A 377 -2.97 9.89 15.58
C HIS A 377 -1.65 9.52 16.25
N ILE A 378 -0.96 10.47 16.87
CA ILE A 378 0.35 10.17 17.45
C ILE A 378 0.15 9.28 18.67
N ASN A 379 0.78 8.11 18.66
CA ASN A 379 0.67 7.19 19.77
C ASN A 379 1.44 7.71 20.96
N THR A 380 0.75 7.85 22.10
CA THR A 380 1.40 8.39 23.29
C THR A 380 2.46 7.44 23.82
N LYS A 381 2.23 6.13 23.68
CA LYS A 381 3.15 5.14 24.25
C LYS A 381 4.48 5.11 23.49
N THR A 382 4.44 5.26 22.16
CA THR A 382 5.62 5.19 21.32
C THR A 382 6.00 6.51 20.68
N ASN A 383 5.08 7.47 20.59
CA ASN A 383 5.37 8.78 20.01
C ASN A 383 5.73 8.66 18.53
N LYS A 384 4.87 7.96 17.79
CA LYS A 384 5.07 7.75 16.36
C LYS A 384 3.72 7.78 15.65
N ILE A 385 3.78 7.90 14.34
CA ILE A 385 2.60 7.80 13.47
C ILE A 385 2.73 6.51 12.68
N HIS A 386 1.72 5.65 12.80
CA HIS A 386 1.71 4.33 12.15
C HIS A 386 0.64 4.34 11.07
N THR A 387 1.02 4.81 9.88
CA THR A 387 0.10 4.84 8.75
C THR A 387 -0.24 3.43 8.31
N THR A 388 -1.44 3.27 7.76
CA THR A 388 -1.90 1.99 7.24
C THR A 388 -1.74 1.97 5.73
N PHE A 389 -1.00 0.97 5.23
CA PHE A 389 -0.75 0.80 3.80
C PHE A 389 -1.66 -0.27 3.24
N ASN A 390 -2.24 0.02 2.08
CA ASN A 390 -2.99 -0.95 1.28
C ASN A 390 -2.29 -1.11 -0.06
N GLN A 391 -2.41 -2.31 -0.65
CA GLN A 391 -1.59 -2.68 -1.80
C GLN A 391 -2.37 -2.98 -3.07
N LEU A 392 -3.59 -3.52 -2.99
CA LEU A 392 -4.38 -3.82 -4.18
C LEU A 392 -5.71 -3.08 -4.22
N LYS A 393 -5.84 -1.96 -3.53
CA LYS A 393 -7.10 -1.21 -3.61
C LYS A 393 -7.15 -0.34 -4.85
N THR A 394 -6.06 0.38 -5.14
CA THR A 394 -6.05 1.29 -6.26
C THR A 394 -5.95 0.53 -7.57
N PHE A 395 -6.61 1.05 -8.61
CA PHE A 395 -6.62 0.35 -9.90
C PHE A 395 -5.24 0.34 -10.54
N SER A 396 -4.45 1.40 -10.36
CA SER A 396 -3.12 1.44 -10.91
C SER A 396 -2.16 0.46 -10.25
N GLY A 397 -2.53 -0.09 -9.09
CA GLY A 397 -1.62 -0.89 -8.30
C GLY A 397 -0.70 -0.08 -7.41
N ARG A 398 -0.65 1.24 -7.58
CA ARG A 398 0.18 2.07 -6.74
C ARG A 398 -0.34 2.05 -5.30
N PHE A 399 0.59 2.16 -4.36
CA PHE A 399 0.25 2.03 -2.95
C PHE A 399 -0.69 3.15 -2.54
N SER A 400 -1.23 3.01 -1.32
CA SER A 400 -2.16 3.97 -0.76
C SER A 400 -1.96 4.00 0.74
N SER A 401 -2.41 5.10 1.36
CA SER A 401 -2.34 5.29 2.80
C SER A 401 -3.75 5.52 3.34
N GLU A 402 -3.85 5.45 4.66
CA GLU A 402 -5.14 5.45 5.34
C GLU A 402 -4.91 5.96 6.76
N LYS A 403 -5.99 6.44 7.38
CA LYS A 403 -5.96 7.10 8.67
C LYS A 403 -5.10 8.37 8.53
N PRO A 404 -3.76 8.41 8.84
CA PRO A 404 -2.99 9.55 8.34
C PRO A 404 -2.53 9.31 6.92
N ASN A 405 -3.14 10.01 5.97
CA ASN A 405 -2.89 9.74 4.55
C ASN A 405 -1.65 10.51 4.14
N LEU A 406 -0.56 9.78 3.88
CA LEU A 406 0.71 10.42 3.60
C LEU A 406 0.68 11.18 2.27
N GLN A 407 -0.14 10.74 1.32
CA GLN A 407 -0.26 11.46 0.07
C GLN A 407 -0.88 12.83 0.27
N GLN A 408 -1.55 13.04 1.40
CA GLN A 408 -2.17 14.32 1.73
C GLN A 408 -1.25 15.20 2.58
N ILE A 409 -0.27 14.63 3.26
CA ILE A 409 0.70 15.45 3.99
C ILE A 409 1.42 16.34 3.00
N PRO A 410 1.56 17.65 3.24
CA PRO A 410 2.03 18.53 2.18
C PRO A 410 3.52 18.32 1.91
N ARG A 411 3.98 18.91 0.81
CA ARG A 411 5.38 18.84 0.43
C ARG A 411 6.17 20.08 0.85
N GLN A 412 5.58 20.94 1.68
CA GLN A 412 6.30 22.12 2.13
C GLN A 412 7.49 21.72 3.00
N LYS A 413 8.59 22.45 2.83
CA LYS A 413 9.84 22.06 3.48
C LYS A 413 9.79 22.31 4.99
N ASN A 414 9.29 23.46 5.40
CA ASN A 414 9.19 23.74 6.83
C ASN A 414 8.22 22.77 7.51
N ILE A 415 7.09 22.50 6.86
CA ILE A 415 6.07 21.64 7.47
C ILE A 415 6.59 20.22 7.59
N ARG A 416 7.26 19.73 6.55
CA ARG A 416 7.72 18.35 6.54
C ARG A 416 8.87 18.09 7.50
N GLU A 417 9.44 19.14 8.10
CA GLU A 417 10.51 18.98 9.07
C GLU A 417 10.05 18.37 10.39
N ILE A 418 8.74 18.32 10.63
CA ILE A 418 8.23 17.73 11.87
C ILE A 418 8.61 16.27 11.98
N PHE A 419 8.75 15.58 10.85
CA PHE A 419 9.13 14.18 10.83
C PHE A 419 10.65 14.05 10.80
N ILE A 420 11.22 13.46 11.84
CA ILE A 420 12.68 13.36 12.01
C ILE A 420 13.02 11.92 12.32
N PRO A 421 14.25 11.49 12.06
CA PRO A 421 14.62 10.12 12.36
C PRO A 421 14.78 9.90 13.86
N ASN A 422 14.80 8.63 14.23
CA ASN A 422 14.86 8.26 15.64
C ASN A 422 16.16 8.76 16.27
N ASP A 423 16.24 8.60 17.59
CA ASP A 423 17.44 8.99 18.32
C ASP A 423 18.65 8.25 17.80
N ASN A 424 19.77 8.98 17.70
CA ASN A 424 21.02 8.50 17.09
C ASN A 424 20.77 7.67 15.83
N ASN A 425 20.04 8.23 14.87
CA ASN A 425 19.82 7.59 13.58
C ASN A 425 19.65 8.67 12.52
N ILE A 426 19.87 8.28 11.26
CA ILE A 426 20.00 9.21 10.15
C ILE A 426 19.21 8.67 8.97
N PHE A 427 18.39 9.52 8.35
CA PHE A 427 17.61 9.10 7.19
C PHE A 427 18.49 9.04 5.94
N ILE A 428 18.08 8.18 5.01
CA ILE A 428 18.70 8.07 3.69
C ILE A 428 17.55 8.08 2.69
N ILE A 429 17.23 9.24 2.16
CA ILE A 429 16.15 9.39 1.21
C ILE A 429 16.67 9.13 -0.19
N ALA A 430 15.93 8.31 -0.93
CA ALA A 430 16.26 8.00 -2.31
C ALA A 430 14.99 8.01 -3.14
N ASP A 431 15.14 8.34 -4.43
CA ASP A 431 13.99 8.49 -5.29
C ASP A 431 14.43 8.36 -6.74
N PHE A 432 13.46 8.07 -7.60
CA PHE A 432 13.67 8.05 -9.04
C PHE A 432 13.54 9.48 -9.59
N LYS A 433 13.59 9.60 -10.90
CA LYS A 433 13.40 10.89 -11.56
C LYS A 433 12.94 10.60 -12.98
N GLN A 434 11.65 10.87 -13.24
CA GLN A 434 11.04 10.60 -14.56
C GLN A 434 10.98 9.10 -14.83
N ILE A 435 10.63 8.32 -13.82
CA ILE A 435 10.55 6.87 -13.97
C ILE A 435 9.46 6.52 -14.97
N GLU A 436 8.30 7.18 -14.87
CA GLU A 436 7.20 6.85 -15.75
C GLU A 436 7.51 7.21 -17.20
N LEU A 437 8.27 8.29 -17.40
CA LEU A 437 8.64 8.65 -18.77
C LEU A 437 9.57 7.61 -19.39
N LYS A 438 10.55 7.13 -18.63
CA LYS A 438 11.39 6.05 -19.13
C LYS A 438 10.59 4.78 -19.37
N ILE A 439 9.61 4.48 -18.52
CA ILE A 439 8.76 3.31 -18.73
C ILE A 439 7.96 3.45 -20.02
N ALA A 440 7.42 4.64 -20.28
CA ALA A 440 6.68 4.86 -21.51
C ALA A 440 7.58 4.70 -22.72
N ALA A 441 8.80 5.25 -22.65
CA ALA A 441 9.74 5.06 -23.74
C ALA A 441 10.03 3.59 -23.96
N GLU A 442 10.19 2.83 -22.88
CA GLU A 442 10.44 1.40 -23.00
C GLU A 442 9.29 0.68 -23.70
N ILE A 443 8.06 0.90 -23.22
CA ILE A 443 6.92 0.14 -23.73
C ILE A 443 6.64 0.51 -25.18
N THR A 444 6.64 1.81 -25.50
CA THR A 444 6.30 2.22 -26.85
C THR A 444 7.44 2.00 -27.83
N ASN A 445 8.66 1.81 -27.34
CA ASN A 445 9.84 1.65 -28.20
C ASN A 445 10.06 2.91 -29.04
N ASP A 446 9.97 4.07 -28.40
CA ASP A 446 10.30 5.32 -29.08
C ASP A 446 11.79 5.38 -29.32
N GLU A 447 12.18 5.92 -30.47
CA GLU A 447 13.56 5.89 -30.93
C GLU A 447 14.37 7.07 -30.42
N ILE A 448 13.91 8.29 -30.70
CA ILE A 448 14.65 9.47 -30.26
C ILE A 448 14.76 9.49 -28.75
N MET A 449 13.73 9.02 -28.05
CA MET A 449 13.77 9.02 -26.59
C MET A 449 14.90 8.15 -26.07
N LEU A 450 14.99 6.91 -26.54
CA LEU A 450 16.07 6.04 -26.10
C LEU A 450 17.43 6.58 -26.53
N LYS A 451 17.52 7.06 -27.77
CA LYS A 451 18.79 7.57 -28.26
C LYS A 451 19.24 8.83 -27.53
N ALA A 452 18.31 9.52 -26.88
CA ALA A 452 18.69 10.65 -26.02
C ALA A 452 19.04 10.18 -24.62
N TYR A 453 18.28 9.21 -24.10
CA TYR A 453 18.53 8.75 -22.73
C TYR A 453 19.90 8.09 -22.62
N ASN A 454 20.28 7.28 -23.60
CA ASN A 454 21.57 6.61 -23.50
C ASN A 454 22.74 7.60 -23.64
N ASN A 455 22.47 8.83 -24.03
CA ASN A 455 23.45 9.92 -23.97
C ASN A 455 23.36 10.71 -22.68
N ASN A 456 22.57 10.25 -21.70
CA ASN A 456 22.49 10.86 -20.37
C ASN A 456 22.00 12.31 -20.46
N ILE A 457 20.77 12.47 -20.93
CA ILE A 457 20.09 13.75 -20.94
C ILE A 457 18.64 13.50 -20.50
N ASP A 458 18.10 14.42 -19.71
CA ASP A 458 16.74 14.28 -19.21
C ASP A 458 15.73 14.66 -20.28
N LEU A 459 14.63 13.90 -20.33
CA LEU A 459 13.64 14.10 -21.38
C LEU A 459 13.05 15.51 -21.34
N HIS A 460 12.94 16.09 -20.15
CA HIS A 460 12.49 17.47 -20.07
C HIS A 460 13.39 18.39 -20.88
N THR A 461 14.71 18.18 -20.76
CA THR A 461 15.66 19.03 -21.49
C THR A 461 15.54 18.81 -22.99
N LEU A 462 15.38 17.57 -23.44
CA LEU A 462 15.22 17.30 -24.86
C LEU A 462 13.96 17.99 -25.40
N THR A 463 12.85 17.85 -24.69
CA THR A 463 11.61 18.48 -25.15
C THR A 463 11.76 19.99 -25.17
N ALA A 464 12.42 20.56 -24.16
CA ALA A 464 12.64 21.99 -24.15
C ALA A 464 13.50 22.43 -25.32
N SER A 465 14.49 21.63 -25.68
CA SER A 465 15.38 22.00 -26.77
C SER A 465 14.64 21.97 -28.11
N ILE A 466 13.90 20.90 -28.37
CA ILE A 466 13.14 20.86 -29.62
C ILE A 466 12.12 21.99 -29.63
N ILE A 467 11.53 22.30 -28.48
CA ILE A 467 10.53 23.35 -28.42
C ILE A 467 11.14 24.70 -28.75
N THR A 468 12.29 25.00 -28.16
CA THR A 468 12.93 26.30 -28.32
C THR A 468 13.86 26.36 -29.53
N LYS A 469 14.15 25.22 -30.17
CA LYS A 469 15.01 25.18 -31.34
C LYS A 469 16.41 25.73 -31.05
N LYS A 470 16.89 25.52 -29.82
CA LYS A 470 18.24 25.88 -29.42
C LYS A 470 19.06 24.61 -29.21
N ASN A 471 20.34 24.81 -28.89
CA ASN A 471 21.22 23.70 -28.54
C ASN A 471 20.99 23.29 -27.09
N ILE A 472 21.59 22.15 -26.73
CA ILE A 472 21.40 21.63 -25.37
C ILE A 472 21.90 22.60 -24.31
N PRO A 473 23.08 23.21 -24.43
CA PRO A 473 23.55 24.10 -23.36
C PRO A 473 22.75 25.39 -23.23
N ASP A 474 21.90 25.73 -24.18
CA ASP A 474 21.24 27.02 -24.22
C ASP A 474 19.86 27.02 -23.55
N ILE A 475 19.45 25.92 -22.92
CA ILE A 475 18.12 25.81 -22.34
C ILE A 475 18.13 26.39 -20.94
N ASN A 476 17.15 27.24 -20.64
CA ASN A 476 17.04 27.90 -19.35
C ASN A 476 16.06 27.14 -18.46
N LYS A 477 15.78 27.70 -17.28
CA LYS A 477 14.85 27.06 -16.36
C LYS A 477 13.40 27.28 -16.77
N GLU A 478 13.09 28.41 -17.39
CA GLU A 478 11.70 28.67 -17.78
C GLU A 478 11.25 27.69 -18.85
N ASP A 479 12.08 27.49 -19.88
CA ASP A 479 11.76 26.51 -20.90
C ASP A 479 11.77 25.10 -20.32
N ARG A 480 12.62 24.85 -19.32
CA ARG A 480 12.60 23.56 -18.66
C ARG A 480 11.26 23.31 -17.99
N HIS A 481 10.70 24.33 -17.33
CA HIS A 481 9.38 24.18 -16.74
C HIS A 481 8.31 24.00 -17.82
N ILE A 482 8.45 24.71 -18.93
CA ILE A 482 7.50 24.56 -20.03
C ILE A 482 7.49 23.13 -20.53
N ALA A 483 8.69 22.55 -20.72
CA ALA A 483 8.77 21.17 -21.18
C ALA A 483 8.28 20.21 -20.12
N LYS A 484 8.55 20.50 -18.85
CA LYS A 484 8.01 19.69 -17.77
C LYS A 484 6.49 19.62 -17.85
N ALA A 485 5.85 20.74 -18.16
CA ALA A 485 4.40 20.73 -18.32
C ALA A 485 3.99 19.94 -19.57
N ILE A 486 4.63 20.24 -20.69
CA ILE A 486 4.16 19.72 -21.97
C ILE A 486 4.33 18.21 -22.04
N ASN A 487 5.40 17.68 -21.43
CA ASN A 487 5.64 16.24 -21.49
C ASN A 487 4.50 15.48 -20.83
N PHE A 488 4.13 15.86 -19.61
CA PHE A 488 3.01 15.20 -18.96
C PHE A 488 1.70 15.50 -19.65
N GLY A 489 1.58 16.67 -20.28
CA GLY A 489 0.34 17.01 -20.95
C GLY A 489 0.04 16.10 -22.12
N LEU A 490 1.07 15.79 -22.93
CA LEU A 490 0.87 15.12 -24.20
C LEU A 490 1.21 13.65 -24.18
N ILE A 491 2.01 13.18 -23.22
CA ILE A 491 2.39 11.77 -23.21
C ILE A 491 1.17 10.88 -23.03
N TYR A 492 0.21 11.33 -22.23
CA TYR A 492 -0.98 10.55 -21.94
C TYR A 492 -2.16 10.94 -22.82
N GLY A 493 -1.91 11.59 -23.95
CA GLY A 493 -2.93 11.78 -24.96
C GLY A 493 -4.12 12.61 -24.56
N MET A 494 -3.90 13.75 -23.93
CA MET A 494 -4.96 14.72 -23.74
C MET A 494 -5.16 15.53 -25.02
N ASN A 495 -6.41 15.91 -25.27
CA ASN A 495 -6.72 16.68 -26.47
C ASN A 495 -6.06 18.05 -26.41
N TYR A 496 -5.74 18.58 -27.59
CA TYR A 496 -4.93 19.80 -27.65
C TYR A 496 -5.63 20.97 -26.99
N VAL A 497 -6.96 21.02 -27.03
CA VAL A 497 -7.67 22.14 -26.43
C VAL A 497 -7.48 22.14 -24.92
N ASN A 498 -7.67 21.00 -24.27
CA ASN A 498 -7.70 20.95 -22.82
C ASN A 498 -6.34 21.20 -22.18
N LEU A 499 -5.26 21.22 -22.98
CA LEU A 499 -3.93 21.34 -22.41
C LEU A 499 -3.77 22.61 -21.58
N LYS A 500 -4.47 23.68 -21.95
CA LYS A 500 -4.36 24.92 -21.18
C LYS A 500 -4.85 24.71 -19.76
N ASN A 501 -5.95 23.98 -19.59
CA ASN A 501 -6.52 23.80 -18.26
C ASN A 501 -5.60 22.97 -17.37
N TYR A 502 -5.05 21.88 -17.91
CA TYR A 502 -4.18 21.02 -17.11
C TYR A 502 -2.96 21.78 -16.63
N ALA A 503 -2.33 22.55 -17.51
CA ALA A 503 -1.22 23.40 -17.11
C ALA A 503 -1.66 24.43 -16.08
N ASN A 504 -2.85 25.00 -16.28
CA ASN A 504 -3.40 25.92 -15.29
C ASN A 504 -3.67 25.22 -13.97
N THR A 505 -4.21 24.00 -14.02
CA THR A 505 -4.64 23.34 -12.80
C THR A 505 -3.46 22.88 -11.96
N TYR A 506 -2.43 22.32 -12.59
CA TYR A 506 -1.29 21.73 -11.89
C TYR A 506 0.02 22.47 -12.12
N TYR A 507 0.03 23.49 -12.99
CA TYR A 507 1.21 24.35 -13.11
C TYR A 507 0.89 25.84 -13.17
N GLY A 508 -0.32 26.24 -13.54
CA GLY A 508 -0.72 27.64 -13.47
C GLY A 508 -0.28 28.50 -14.62
N LEU A 509 0.42 27.96 -15.62
CA LEU A 509 0.89 28.78 -16.73
C LEU A 509 -0.23 29.01 -17.73
N ASN A 510 -0.35 30.25 -18.21
CA ASN A 510 -1.36 30.63 -19.17
C ASN A 510 -0.81 30.45 -20.58
N MET A 511 -1.25 29.40 -21.27
CA MET A 511 -0.81 29.10 -22.62
C MET A 511 -1.80 29.65 -23.62
N SER A 512 -1.31 30.23 -24.70
CA SER A 512 -2.17 30.65 -25.79
C SER A 512 -2.60 29.44 -26.63
N LEU A 513 -3.81 29.51 -27.18
CA LEU A 513 -4.34 28.39 -27.94
C LEU A 513 -3.49 28.09 -29.17
N ASP A 514 -3.10 29.14 -29.91
CA ASP A 514 -2.24 28.92 -31.07
C ASP A 514 -0.90 28.35 -30.65
N GLN A 515 -0.33 28.88 -29.57
CA GLN A 515 0.93 28.35 -29.05
C GLN A 515 0.77 26.89 -28.64
N CYS A 516 -0.33 26.56 -27.96
CA CYS A 516 -0.55 25.17 -27.56
C CYS A 516 -0.66 24.26 -28.77
N LEU A 517 -1.37 24.71 -29.81
CA LEU A 517 -1.47 23.90 -31.02
C LEU A 517 -0.10 23.68 -31.63
N TYR A 518 0.73 24.72 -31.65
CA TYR A 518 2.10 24.55 -32.16
C TYR A 518 2.86 23.54 -31.32
N PHE A 519 2.72 23.62 -29.99
CA PHE A 519 3.43 22.67 -29.13
C PHE A 519 3.01 21.25 -29.45
N TYR A 520 1.70 21.02 -29.60
CA TYR A 520 1.20 19.69 -29.88
C TYR A 520 1.71 19.18 -31.22
N ASN A 521 1.66 20.03 -32.25
CA ASN A 521 2.11 19.64 -33.57
C ASN A 521 3.59 19.29 -33.56
N SER A 522 4.41 20.16 -32.96
CA SER A 522 5.84 19.89 -32.91
C SER A 522 6.14 18.63 -32.12
N PHE A 523 5.43 18.42 -31.01
CA PHE A 523 5.65 17.24 -30.19
C PHE A 523 5.40 15.97 -30.99
N PHE A 524 4.26 15.90 -31.66
CA PHE A 524 3.93 14.68 -32.37
C PHE A 524 4.61 14.59 -33.75
N GLU A 525 5.26 15.65 -34.20
CA GLU A 525 6.01 15.59 -35.45
C GLU A 525 7.29 14.80 -35.31
N HIS A 526 7.93 14.82 -34.13
CA HIS A 526 9.20 14.16 -33.91
C HIS A 526 9.04 12.80 -33.23
N TYR A 527 8.33 12.74 -32.11
CA TYR A 527 8.19 11.49 -31.37
C TYR A 527 7.24 10.54 -32.11
N LYS A 528 7.79 9.70 -32.99
CA LYS A 528 6.94 8.79 -33.76
C LYS A 528 6.31 7.73 -32.87
N GLY A 529 7.03 7.26 -31.85
CA GLY A 529 6.53 6.17 -31.05
C GLY A 529 5.24 6.51 -30.33
N ILE A 530 5.16 7.71 -29.76
CA ILE A 530 3.98 8.10 -29.01
C ILE A 530 2.77 8.17 -29.94
N TYR A 531 2.95 8.77 -31.12
CA TYR A 531 1.86 8.85 -32.08
C TYR A 531 1.41 7.47 -32.53
N LYS A 532 2.37 6.57 -32.78
CA LYS A 532 2.02 5.23 -33.22
C LYS A 532 1.22 4.49 -32.15
N TRP A 533 1.70 4.52 -30.91
CA TRP A 533 1.01 3.83 -29.83
C TRP A 533 -0.37 4.41 -29.62
N HIS A 534 -0.49 5.73 -29.63
CA HIS A 534 -1.79 6.36 -29.47
C HIS A 534 -2.74 5.94 -30.58
N ASN A 535 -2.27 5.95 -31.84
CA ASN A 535 -3.14 5.57 -32.95
C ASN A 535 -3.58 4.12 -32.81
N GLN A 536 -2.66 3.23 -32.45
CA GLN A 536 -3.00 1.82 -32.35
C GLN A 536 -4.05 1.59 -31.28
N VAL A 537 -3.82 2.13 -30.07
CA VAL A 537 -4.76 1.88 -28.99
C VAL A 537 -6.08 2.61 -29.24
N LYS A 538 -6.04 3.73 -29.97
CA LYS A 538 -7.27 4.47 -30.20
C LYS A 538 -8.15 3.78 -31.23
N GLN A 539 -7.56 3.31 -32.33
CA GLN A 539 -8.35 2.57 -33.31
C GLN A 539 -8.79 1.22 -32.78
N LYS A 540 -8.00 0.63 -31.86
CA LYS A 540 -8.31 -0.71 -31.41
C LYS A 540 -9.63 -0.76 -30.66
N ARG A 541 -9.89 0.23 -29.81
CA ARG A 541 -11.06 0.22 -28.92
C ARG A 541 -11.10 -1.08 -28.12
N ALA A 542 -10.06 -1.26 -27.31
CA ALA A 542 -9.90 -2.45 -26.48
C ALA A 542 -10.38 -2.19 -25.07
N LEU A 543 -10.90 -3.24 -24.44
CA LEU A 543 -11.36 -3.18 -23.05
C LEU A 543 -10.42 -3.86 -22.08
N GLN A 544 -9.45 -4.63 -22.55
CA GLN A 544 -8.49 -5.31 -21.69
C GLN A 544 -7.10 -4.74 -21.94
N TYR A 545 -6.37 -4.47 -20.85
CA TYR A 545 -5.03 -3.93 -20.94
C TYR A 545 -4.14 -4.62 -19.93
N SER A 546 -2.83 -4.54 -20.16
CA SER A 546 -1.86 -5.26 -19.36
C SER A 546 -0.59 -4.43 -19.23
N THR A 547 0.24 -4.81 -18.27
CA THR A 547 1.53 -4.18 -18.01
C THR A 547 2.65 -5.18 -18.26
N LEU A 548 3.89 -4.71 -18.08
CA LEU A 548 5.04 -5.56 -18.35
C LEU A 548 5.11 -6.73 -17.38
N SER A 549 4.56 -6.58 -16.17
CA SER A 549 4.44 -7.68 -15.23
C SER A 549 3.19 -8.52 -15.48
N ASN A 550 2.57 -8.39 -16.65
CA ASN A 550 1.37 -9.13 -17.03
C ASN A 550 0.18 -8.82 -16.12
N ARG A 551 0.22 -7.73 -15.36
CA ARG A 551 -0.92 -7.35 -14.53
C ARG A 551 -2.07 -6.91 -15.43
N LYS A 552 -3.10 -7.74 -15.53
CA LYS A 552 -4.22 -7.49 -16.44
C LYS A 552 -5.37 -6.81 -15.71
N VAL A 553 -6.07 -5.93 -16.44
CA VAL A 553 -7.22 -5.21 -15.92
C VAL A 553 -8.21 -5.02 -17.06
N ILE A 554 -9.51 -5.00 -16.72
CA ILE A 554 -10.57 -4.79 -17.69
C ILE A 554 -11.34 -3.53 -17.29
N PHE A 555 -11.62 -2.68 -18.27
CA PHE A 555 -12.46 -1.51 -18.09
C PHE A 555 -13.88 -1.79 -18.61
N PRO A 556 -14.94 -1.39 -17.90
CA PRO A 556 -16.30 -1.65 -18.43
C PRO A 556 -16.59 -0.98 -19.75
N TYR A 557 -16.07 0.23 -19.96
CA TYR A 557 -16.24 0.94 -21.21
C TYR A 557 -14.99 1.75 -21.48
N PHE A 558 -14.76 2.06 -22.75
CA PHE A 558 -13.47 2.61 -23.15
C PHE A 558 -13.23 3.97 -22.52
N SER A 559 -11.98 4.23 -22.17
CA SER A 559 -11.54 5.53 -21.68
C SER A 559 -10.10 5.70 -22.12
N PHE A 560 -9.89 6.54 -23.13
CA PHE A 560 -8.57 6.67 -23.74
C PHE A 560 -7.52 7.05 -22.71
N THR A 561 -7.83 8.01 -21.85
CA THR A 561 -6.88 8.44 -20.84
C THR A 561 -6.51 7.30 -19.92
N LYS A 562 -7.52 6.56 -19.44
CA LYS A 562 -7.25 5.41 -18.60
C LYS A 562 -6.47 4.35 -19.36
N ALA A 563 -6.81 4.16 -20.64
CA ALA A 563 -6.15 3.12 -21.41
C ALA A 563 -4.66 3.38 -21.55
N LEU A 564 -4.29 4.63 -21.82
CA LEU A 564 -2.87 4.96 -21.91
C LEU A 564 -2.21 5.06 -20.55
N ASN A 565 -2.97 5.38 -19.50
CA ASN A 565 -2.36 5.60 -18.19
C ASN A 565 -2.15 4.32 -17.40
N TYR A 566 -2.96 3.29 -17.63
CA TYR A 566 -2.81 2.06 -16.86
C TYR A 566 -1.47 1.36 -17.09
N PRO A 567 -0.99 1.17 -18.33
CA PRO A 567 0.25 0.40 -18.50
C PRO A 567 1.45 1.01 -17.80
N VAL A 568 1.70 2.30 -18.03
CA VAL A 568 2.91 2.92 -17.49
C VAL A 568 2.86 2.96 -15.97
N GLN A 569 1.74 3.39 -15.39
CA GLN A 569 1.64 3.50 -13.94
C GLN A 569 1.75 2.13 -13.30
N GLY A 570 1.09 1.14 -13.89
CA GLY A 570 1.19 -0.20 -13.35
C GLY A 570 2.62 -0.71 -13.38
N THR A 571 3.34 -0.44 -14.46
CA THR A 571 4.72 -0.88 -14.54
C THR A 571 5.58 -0.18 -13.50
N CYS A 572 5.34 1.11 -13.27
CA CYS A 572 6.14 1.83 -12.28
C CYS A 572 5.85 1.31 -10.88
N ALA A 573 4.60 0.96 -10.61
CA ALA A 573 4.26 0.30 -9.36
C ALA A 573 5.01 -1.02 -9.22
N ASP A 574 5.11 -1.78 -10.31
CA ASP A 574 5.84 -3.04 -10.26
C ASP A 574 7.32 -2.82 -9.95
N ILE A 575 7.94 -1.83 -10.59
CA ILE A 575 9.36 -1.56 -10.34
C ILE A 575 9.56 -1.18 -8.87
N LEU A 576 8.72 -0.28 -8.36
CA LEU A 576 8.88 0.15 -6.98
C LEU A 576 8.68 -1.02 -6.02
N LYS A 577 7.73 -1.89 -6.33
CA LYS A 577 7.46 -3.04 -5.48
C LYS A 577 8.67 -3.97 -5.43
N LEU A 578 9.25 -4.26 -6.60
CA LEU A 578 10.43 -5.11 -6.63
C LEU A 578 11.58 -4.46 -5.87
N ALA A 579 11.70 -3.14 -5.98
CA ALA A 579 12.76 -2.45 -5.27
C ALA A 579 12.61 -2.63 -3.77
N LEU A 580 11.38 -2.49 -3.27
CA LEU A 580 11.15 -2.70 -1.84
C LEU A 580 11.51 -4.12 -1.44
N VAL A 581 11.12 -5.10 -2.25
CA VAL A 581 11.40 -6.49 -1.89
C VAL A 581 12.90 -6.74 -1.83
N ASP A 582 13.64 -6.23 -2.80
CA ASP A 582 15.08 -6.41 -2.78
C ASP A 582 15.72 -5.70 -1.59
N LEU A 583 15.28 -4.46 -1.32
CA LEU A 583 15.86 -3.68 -0.23
C LEU A 583 15.59 -4.33 1.12
N TYR A 584 14.44 -4.99 1.27
CA TYR A 584 14.15 -5.66 2.53
C TYR A 584 15.18 -6.72 2.85
N ASP A 585 15.56 -7.51 1.85
CA ASP A 585 16.59 -8.52 2.07
C ASP A 585 17.96 -7.88 2.25
N ASN A 586 18.30 -6.91 1.40
CA ASN A 586 19.69 -6.46 1.33
C ASN A 586 20.13 -5.71 2.58
N LEU A 587 19.21 -5.18 3.37
CA LEU A 587 19.56 -4.35 4.52
C LEU A 587 19.65 -5.10 5.84
N LYS A 588 19.42 -6.41 5.85
CA LYS A 588 19.40 -7.13 7.12
C LYS A 588 20.77 -7.51 7.61
N ASP A 589 21.81 -7.41 6.78
CA ASP A 589 23.17 -7.50 7.30
C ASP A 589 23.47 -6.33 8.22
N ILE A 590 23.04 -5.13 7.84
CA ILE A 590 23.30 -3.91 8.61
C ILE A 590 22.21 -3.62 9.63
N ASN A 591 21.05 -4.25 9.52
CA ASN A 591 19.90 -4.00 10.39
C ASN A 591 19.28 -2.64 10.12
N GLY A 592 19.17 -2.28 8.85
CA GLY A 592 18.51 -1.05 8.45
C GLY A 592 17.01 -1.26 8.24
N LYS A 593 16.24 -0.27 8.65
CA LYS A 593 14.78 -0.35 8.68
C LYS A 593 14.17 0.55 7.61
N ILE A 594 13.15 0.04 6.94
CA ILE A 594 12.44 0.77 5.91
C ILE A 594 11.29 1.50 6.57
N ILE A 595 11.03 2.74 6.13
CA ILE A 595 10.19 3.68 6.86
C ILE A 595 8.90 3.99 6.09
N LEU A 596 9.03 4.53 4.89
CA LEU A 596 7.87 5.13 4.23
C LEU A 596 8.11 5.14 2.72
N CYS A 597 7.00 5.12 1.97
CA CYS A 597 7.07 5.15 0.51
C CYS A 597 5.89 5.97 -0.02
N VAL A 598 6.18 7.16 -0.52
CA VAL A 598 5.18 8.02 -1.14
C VAL A 598 5.62 8.29 -2.57
N HIS A 599 4.69 8.12 -3.51
CA HIS A 599 4.97 8.33 -4.93
C HIS A 599 6.14 7.45 -5.37
N ASP A 600 7.33 8.04 -5.51
CA ASP A 600 8.51 7.33 -5.98
C ASP A 600 9.69 7.56 -5.05
N GLU A 601 9.44 7.58 -3.75
CA GLU A 601 10.47 7.73 -2.74
C GLU A 601 10.50 6.48 -1.86
N ILE A 602 11.70 6.14 -1.39
CA ILE A 602 11.87 5.13 -0.35
C ILE A 602 12.83 5.69 0.68
N ILE A 603 12.40 5.72 1.93
CA ILE A 603 13.19 6.23 3.05
C ILE A 603 13.58 5.05 3.92
N ILE A 604 14.82 5.06 4.40
CA ILE A 604 15.30 4.06 5.33
C ILE A 604 15.99 4.76 6.50
N GLU A 605 16.05 4.07 7.63
CA GLU A 605 16.80 4.49 8.79
C GLU A 605 17.97 3.54 8.98
N VAL A 606 19.14 4.09 9.26
CA VAL A 606 20.30 3.29 9.62
C VAL A 606 21.11 4.09 10.63
N ASN A 607 21.72 3.37 11.58
CA ASN A 607 22.59 4.01 12.54
C ASN A 607 23.79 4.60 11.81
N LYS A 608 24.30 5.72 12.33
CA LYS A 608 25.32 6.48 11.62
C LYS A 608 26.59 5.68 11.39
N LYS A 609 26.81 4.61 12.14
CA LYS A 609 28.00 3.80 11.94
C LYS A 609 27.98 3.02 10.63
N PHE A 610 26.84 2.97 9.92
CA PHE A 610 26.71 2.17 8.71
C PHE A 610 26.10 2.99 7.58
N GLN A 611 26.39 4.29 7.54
CA GLN A 611 25.78 5.16 6.55
C GLN A 611 26.26 4.84 5.14
N GLU A 612 27.58 4.79 4.96
CA GLU A 612 28.13 4.67 3.61
C GLU A 612 27.76 3.35 2.97
N GLU A 613 27.74 2.28 3.75
CA GLU A 613 27.29 1.00 3.20
C GLU A 613 25.80 1.07 2.84
N ALA A 614 25.01 1.76 3.65
CA ALA A 614 23.57 1.82 3.40
C ALA A 614 23.26 2.51 2.09
N LEU A 615 23.94 3.63 1.82
CA LEU A 615 23.69 4.34 0.57
C LEU A 615 23.99 3.46 -0.63
N LYS A 616 25.13 2.76 -0.60
CA LYS A 616 25.51 1.88 -1.70
C LYS A 616 24.50 0.75 -1.86
N ILE A 617 24.05 0.20 -0.74
CA ILE A 617 23.11 -0.92 -0.80
C ILE A 617 21.81 -0.48 -1.46
N LEU A 618 21.29 0.69 -1.05
CA LEU A 618 20.05 1.16 -1.66
C LEU A 618 20.25 1.44 -3.14
N VAL A 619 21.37 2.04 -3.50
CA VAL A 619 21.62 2.32 -4.92
C VAL A 619 21.60 1.03 -5.72
N GLN A 620 22.29 0.00 -5.22
CA GLN A 620 22.33 -1.27 -5.94
C GLN A 620 20.94 -1.88 -6.06
N SER A 621 20.19 -1.90 -4.95
CA SER A 621 18.88 -2.54 -4.98
C SER A 621 17.95 -1.85 -5.96
N MET A 622 17.90 -0.52 -5.91
CA MET A 622 17.01 0.20 -6.80
C MET A 622 17.44 0.05 -8.26
N GLU A 623 18.74 0.11 -8.52
CA GLU A 623 19.21 -0.07 -9.89
C GLU A 623 18.83 -1.43 -10.44
N ASN A 624 19.04 -2.48 -9.65
CA ASN A 624 18.72 -3.82 -10.15
C ASN A 624 17.22 -3.99 -10.35
N SER A 625 16.42 -3.46 -9.42
CA SER A 625 14.97 -3.56 -9.57
C SER A 625 14.51 -2.85 -10.84
N ALA A 626 15.07 -1.67 -11.10
CA ALA A 626 14.72 -0.97 -12.34
C ALA A 626 15.15 -1.78 -13.56
N SER A 627 16.36 -2.34 -13.52
CA SER A 627 16.90 -3.01 -14.70
C SER A 627 16.17 -4.30 -15.02
N TYR A 628 15.54 -4.93 -14.03
CA TYR A 628 14.89 -6.22 -14.28
C TYR A 628 13.86 -6.13 -15.41
N PHE A 629 12.92 -5.18 -15.30
CA PHE A 629 11.88 -5.06 -16.31
C PHE A 629 12.35 -4.21 -17.48
N LEU A 630 12.85 -3.02 -17.21
CA LEU A 630 13.30 -2.10 -18.26
C LEU A 630 14.67 -2.55 -18.74
N LYS A 631 14.73 -3.04 -19.97
CA LYS A 631 15.93 -3.69 -20.48
C LYS A 631 16.65 -2.91 -21.58
N LYS A 632 16.09 -1.80 -22.06
CA LYS A 632 16.75 -0.95 -23.02
C LYS A 632 17.29 0.33 -22.38
N VAL A 633 16.47 1.01 -21.60
CA VAL A 633 16.85 2.25 -20.96
C VAL A 633 17.40 1.95 -19.57
N LYS A 634 18.16 2.89 -19.02
CA LYS A 634 18.77 2.76 -17.71
C LYS A 634 18.17 3.82 -16.79
N CYS A 635 17.69 3.38 -15.62
CA CYS A 635 17.20 4.28 -14.59
C CYS A 635 18.33 4.70 -13.67
N GLU A 636 18.30 5.94 -13.22
CA GLU A 636 19.30 6.48 -12.31
C GLU A 636 18.59 7.04 -11.09
N VAL A 637 19.06 6.65 -9.91
CA VAL A 637 18.43 7.00 -8.64
C VAL A 637 19.30 8.04 -7.93
N SER A 638 18.65 9.02 -7.32
CA SER A 638 19.32 10.04 -6.52
C SER A 638 19.10 9.74 -5.05
N VAL A 639 20.19 9.82 -4.27
CA VAL A 639 20.16 9.56 -2.84
C VAL A 639 20.85 10.72 -2.13
N LYS A 640 20.22 11.21 -1.06
CA LYS A 640 20.79 12.25 -0.22
C LYS A 640 20.68 11.81 1.23
N ILE A 641 21.76 11.98 1.98
CA ILE A 641 21.79 11.63 3.40
C ILE A 641 21.04 12.73 4.14
N ALA A 642 19.76 12.49 4.41
CA ALA A 642 18.87 13.52 4.92
C ALA A 642 18.79 13.46 6.44
N GLU A 643 18.81 14.63 7.07
CA GLU A 643 18.57 14.76 8.50
C GLU A 643 17.09 14.91 8.84
N ASN A 644 16.26 15.28 7.87
CA ASN A 644 14.83 15.30 8.05
C ASN A 644 14.17 15.11 6.69
N TRP A 645 12.90 14.71 6.72
CA TRP A 645 12.19 14.40 5.48
C TRP A 645 12.12 15.63 4.59
N GLY A 646 11.82 16.79 5.18
CA GLY A 646 11.78 18.01 4.41
C GLY A 646 13.16 18.61 4.21
N SER A 647 14.07 17.85 3.61
CA SER A 647 15.43 18.30 3.43
C SER A 647 15.53 19.20 2.21
N LYS A 648 16.66 19.90 2.11
CA LYS A 648 16.87 20.84 1.03
C LYS A 648 16.84 20.13 -0.32
N ASP A 649 16.10 20.70 -1.26
CA ASP A 649 15.93 20.11 -2.58
C ASP A 649 15.77 21.20 -3.64
PG DGT B . 11.20 18.11 -7.65
O1G DGT B . 10.30 19.26 -7.23
O2G DGT B . 12.33 17.97 -6.66
O3G DGT B . 11.76 18.39 -9.03
O3B DGT B . 10.32 16.72 -7.69
PB DGT B . 8.68 16.65 -7.57
O1B DGT B . 8.19 17.74 -6.65
O2B DGT B . 8.07 16.83 -8.94
O3A DGT B . 8.26 15.18 -6.95
PA DGT B . 9.25 13.87 -6.94
O1A DGT B . 10.13 13.91 -5.72
O2A DGT B . 10.11 13.88 -8.18
O5' DGT B . 8.34 12.51 -6.90
C5' DGT B . 7.22 12.46 -7.75
C4' DGT B . 7.66 11.89 -9.08
O4' DGT B . 6.49 11.01 -9.71
C3' DGT B . 7.87 12.88 -9.93
O3' DGT B . 9.29 13.03 -10.15
C2' DGT B . 7.12 12.46 -11.30
C1' DGT B . 5.98 11.86 -10.86
N9 DGT B . 5.11 12.89 -10.34
C8 DGT B . 4.35 12.21 -9.46
N7 DGT B . 3.48 13.09 -8.92
C5 DGT B . 3.70 14.28 -9.45
C6 DGT B . 3.04 15.64 -9.23
O6 DGT B . 2.14 15.75 -8.45
N1 DGT B . 3.49 16.78 -9.96
C2 DGT B . 4.57 16.65 -10.89
N2 DGT B . 5.03 17.80 -11.64
N3 DGT B . 5.19 15.34 -11.11
C4 DGT B . 4.72 14.15 -10.34
#